data_1EIJ
#
_entry.id   1EIJ
#
_cell.length_a   1.0
_cell.length_b   1.0
_cell.length_c   1.0
_cell.angle_alpha   90.0
_cell.angle_beta   90.0
_cell.angle_gamma   90.0
#
_symmetry.space_group_name_H-M   'P 1'
#
_entity_poly.entity_id   1
_entity_poly.type   'polypeptide(L)'
_entity_poly.pdbx_seq_one_letter_code
;MRQQLEMQKKQIMMQILTPEARSRLANLRLTRPDFVEQIELQLIQLAQMGRVRSKITDEQLKELLKRVAGKKREIKISRK
;
_entity_poly.pdbx_strand_id   A
#
# COMPACT_ATOMS: atom_id res chain seq x y z
N MET A 1 -24.15 -2.21 12.60
CA MET A 1 -23.47 -0.99 12.10
C MET A 1 -21.95 -1.17 12.08
N ARG A 2 -21.35 -0.86 10.94
CA ARG A 2 -19.90 -0.99 10.79
C ARG A 2 -19.46 -2.44 10.97
N GLN A 3 -18.17 -2.69 10.79
CA GLN A 3 -17.63 -4.04 10.94
C GLN A 3 -18.11 -4.95 9.82
N GLN A 4 -19.42 -5.19 9.78
CA GLN A 4 -20.01 -6.04 8.76
C GLN A 4 -20.24 -5.26 7.47
N LEU A 5 -20.63 -4.00 7.61
CA LEU A 5 -20.89 -3.14 6.46
C LEU A 5 -19.71 -3.15 5.51
N GLU A 6 -19.78 -3.98 4.47
CA GLU A 6 -18.73 -4.09 3.47
C GLU A 6 -17.35 -4.22 4.11
N MET A 7 -16.70 -3.09 4.39
CA MET A 7 -15.38 -3.10 5.00
C MET A 7 -14.31 -3.49 3.98
N GLN A 8 -13.88 -2.52 3.17
CA GLN A 8 -12.87 -2.76 2.16
C GLN A 8 -11.47 -2.63 2.75
N LYS A 9 -10.96 -3.71 3.32
CA LYS A 9 -9.64 -3.71 3.91
C LYS A 9 -9.10 -5.13 4.06
N LYS A 10 -9.81 -5.94 4.85
CA LYS A 10 -9.40 -7.33 5.07
C LYS A 10 -9.34 -8.09 3.76
N GLN A 11 -10.21 -7.74 2.83
CA GLN A 11 -10.23 -8.37 1.51
C GLN A 11 -8.85 -8.32 0.89
N ILE A 12 -8.18 -7.18 1.07
CA ILE A 12 -6.83 -6.99 0.56
C ILE A 12 -5.86 -7.89 1.31
N MET A 13 -6.02 -7.95 2.63
CA MET A 13 -5.15 -8.75 3.48
C MET A 13 -5.09 -10.19 3.01
N MET A 14 -6.16 -10.65 2.39
CA MET A 14 -6.23 -12.02 1.92
C MET A 14 -5.47 -12.19 0.60
N GLN A 15 -5.18 -11.09 -0.08
CA GLN A 15 -4.48 -11.16 -1.37
C GLN A 15 -2.98 -10.88 -1.23
N ILE A 16 -2.64 -9.82 -0.50
CA ILE A 16 -1.23 -9.45 -0.28
C ILE A 16 -1.10 -8.18 0.57
N LEU A 17 -1.95 -8.03 1.57
CA LEU A 17 -1.90 -6.84 2.42
C LEU A 17 -1.63 -7.20 3.88
N THR A 18 -0.65 -6.53 4.46
CA THR A 18 -0.29 -6.77 5.86
C THR A 18 -0.44 -5.48 6.66
N PRO A 19 -0.86 -5.59 7.94
CA PRO A 19 -1.01 -4.42 8.80
C PRO A 19 0.22 -3.53 8.76
N GLU A 20 1.37 -4.14 8.52
CA GLU A 20 2.63 -3.41 8.44
C GLU A 20 2.72 -2.62 7.14
N ALA A 21 2.15 -3.17 6.07
CA ALA A 21 2.18 -2.51 4.77
C ALA A 21 1.54 -1.12 4.84
N ARG A 22 0.34 -1.06 5.41
CA ARG A 22 -0.36 0.21 5.54
C ARG A 22 0.39 1.15 6.48
N SER A 23 0.78 0.64 7.65
CA SER A 23 1.51 1.43 8.63
C SER A 23 2.88 1.83 8.08
N ARG A 24 3.44 0.98 7.24
CA ARG A 24 4.75 1.24 6.64
C ARG A 24 4.69 2.51 5.79
N LEU A 25 3.76 2.53 4.84
CA LEU A 25 3.59 3.67 3.97
C LEU A 25 3.47 4.95 4.77
N ALA A 26 2.55 4.95 5.73
CA ALA A 26 2.36 6.10 6.60
C ALA A 26 3.64 6.42 7.34
N ASN A 27 4.39 5.38 7.67
CA ASN A 27 5.64 5.51 8.40
C ASN A 27 6.74 6.11 7.52
N LEU A 28 6.81 5.66 6.28
CA LEU A 28 7.82 6.11 5.34
C LEU A 28 7.56 7.54 4.87
N ARG A 29 6.31 7.95 4.93
CA ARG A 29 5.91 9.28 4.46
C ARG A 29 6.84 10.36 5.02
N LEU A 30 7.39 10.12 6.20
CA LEU A 30 8.30 11.07 6.83
C LEU A 30 9.74 10.85 6.37
N THR A 31 10.02 9.68 5.80
CA THR A 31 11.38 9.38 5.33
C THR A 31 11.59 9.90 3.91
N ARG A 32 11.15 9.13 2.91
CA ARG A 32 11.30 9.55 1.52
C ARG A 32 9.95 9.85 0.88
N PRO A 33 9.80 11.04 0.26
CA PRO A 33 8.57 11.41 -0.43
C PRO A 33 8.39 10.67 -1.74
N ASP A 34 9.49 10.10 -2.26
CA ASP A 34 9.46 9.39 -3.54
C ASP A 34 8.69 8.09 -3.42
N PHE A 35 9.02 7.31 -2.40
CA PHE A 35 8.37 6.03 -2.17
C PHE A 35 6.84 6.18 -2.13
N VAL A 36 6.37 7.08 -1.29
CA VAL A 36 4.94 7.29 -1.13
C VAL A 36 4.26 7.73 -2.43
N GLU A 37 4.85 8.70 -3.12
CA GLU A 37 4.23 9.26 -4.32
C GLU A 37 3.96 8.20 -5.38
N GLN A 38 5.00 7.45 -5.76
CA GLN A 38 4.87 6.41 -6.77
C GLN A 38 4.04 5.25 -6.24
N ILE A 39 4.44 4.74 -5.08
CA ILE A 39 3.73 3.65 -4.46
C ILE A 39 2.26 4.03 -4.25
N GLU A 40 2.00 5.26 -3.82
CA GLU A 40 0.64 5.71 -3.60
C GLU A 40 -0.22 5.47 -4.83
N LEU A 41 0.27 5.91 -5.98
CA LEU A 41 -0.46 5.72 -7.23
C LEU A 41 -0.87 4.27 -7.41
N GLN A 42 0.10 3.37 -7.29
CA GLN A 42 -0.16 1.92 -7.45
C GLN A 42 -0.93 1.38 -6.24
N LEU A 43 -0.64 1.93 -5.07
CA LEU A 43 -1.27 1.49 -3.82
C LEU A 43 -2.74 1.90 -3.76
N ILE A 44 -3.00 3.18 -4.01
CA ILE A 44 -4.37 3.69 -3.96
C ILE A 44 -5.26 2.99 -4.98
N GLN A 45 -4.74 2.77 -6.18
CA GLN A 45 -5.52 2.14 -7.24
C GLN A 45 -5.76 0.66 -6.93
N LEU A 46 -4.76 0.00 -6.35
CA LEU A 46 -4.85 -1.43 -6.05
C LEU A 46 -5.83 -1.70 -4.91
N ALA A 47 -5.64 -1.02 -3.78
CA ALA A 47 -6.48 -1.24 -2.61
C ALA A 47 -7.94 -0.84 -2.87
N GLN A 48 -8.13 0.38 -3.36
CA GLN A 48 -9.47 0.89 -3.63
C GLN A 48 -10.24 -0.06 -4.56
N MET A 49 -9.50 -0.86 -5.32
CA MET A 49 -10.11 -1.82 -6.24
C MET A 49 -10.79 -2.95 -5.47
N GLY A 50 -11.81 -3.55 -6.10
CA GLY A 50 -12.52 -4.63 -5.46
C GLY A 50 -12.74 -5.81 -6.39
N ARG A 51 -11.67 -6.51 -6.72
CA ARG A 51 -11.75 -7.67 -7.60
C ARG A 51 -10.58 -8.62 -7.39
N VAL A 52 -9.41 -8.24 -7.89
CA VAL A 52 -8.21 -9.06 -7.74
C VAL A 52 -6.96 -8.19 -7.61
N ARG A 53 -7.14 -6.99 -7.09
CA ARG A 53 -6.02 -6.06 -6.90
C ARG A 53 -5.93 -5.61 -5.45
N SER A 54 -4.83 -5.98 -4.79
CA SER A 54 -4.63 -5.63 -3.39
C SER A 54 -3.36 -4.79 -3.22
N LYS A 55 -3.36 -3.91 -2.22
CA LYS A 55 -2.20 -3.07 -1.95
C LYS A 55 -0.96 -3.91 -1.66
N ILE A 56 0.18 -3.41 -2.10
CA ILE A 56 1.44 -4.11 -1.93
C ILE A 56 1.81 -4.28 -0.46
N THR A 57 2.39 -5.44 -0.14
CA THR A 57 2.79 -5.75 1.23
C THR A 57 4.10 -5.04 1.59
N ASP A 58 4.35 -4.91 2.89
CA ASP A 58 5.56 -4.26 3.37
C ASP A 58 6.80 -4.89 2.75
N GLU A 59 6.72 -6.20 2.49
CA GLU A 59 7.83 -6.92 1.88
C GLU A 59 8.06 -6.41 0.46
N GLN A 60 7.01 -6.40 -0.34
CA GLN A 60 7.11 -5.93 -1.71
C GLN A 60 7.33 -4.42 -1.73
N LEU A 61 6.70 -3.72 -0.80
CA LEU A 61 6.87 -2.28 -0.67
C LEU A 61 8.33 -1.96 -0.46
N LYS A 62 8.96 -2.69 0.45
CA LYS A 62 10.37 -2.50 0.74
C LYS A 62 11.18 -2.60 -0.54
N GLU A 63 10.97 -3.70 -1.28
CA GLU A 63 11.64 -3.86 -2.56
C GLU A 63 11.28 -2.69 -3.46
N LEU A 64 10.06 -2.21 -3.32
CA LEU A 64 9.61 -1.05 -4.06
C LEU A 64 10.37 0.19 -3.62
N LEU A 65 10.73 0.22 -2.34
CA LEU A 65 11.50 1.34 -1.79
C LEU A 65 12.81 1.49 -2.54
N LYS A 66 13.50 0.38 -2.75
CA LYS A 66 14.73 0.39 -3.50
C LYS A 66 14.44 0.79 -4.95
N ARG A 67 13.24 0.44 -5.41
CA ARG A 67 12.81 0.77 -6.75
C ARG A 67 12.57 2.26 -6.89
N VAL A 68 11.76 2.79 -5.97
CA VAL A 68 11.42 4.20 -5.95
C VAL A 68 12.59 5.07 -5.50
N ALA A 69 13.30 4.60 -4.48
CA ALA A 69 14.44 5.34 -3.94
C ALA A 69 15.60 5.33 -4.92
N GLY A 70 16.06 6.52 -5.31
CA GLY A 70 17.17 6.62 -6.24
C GLY A 70 18.41 5.91 -5.74
N LYS A 71 19.55 6.22 -6.34
CA LYS A 71 20.82 5.60 -5.95
C LYS A 71 21.49 6.41 -4.84
N LYS A 72 22.40 5.76 -4.12
CA LYS A 72 23.11 6.42 -3.03
C LYS A 72 24.55 5.92 -2.95
N MET A 1 -19.68 -11.66 12.32
CA MET A 1 -20.70 -10.97 13.15
C MET A 1 -20.96 -9.55 12.64
N ARG A 2 -22.22 -9.27 12.33
CA ARG A 2 -22.61 -7.96 11.82
C ARG A 2 -22.00 -7.70 10.45
N GLN A 3 -22.37 -8.52 9.47
CA GLN A 3 -21.85 -8.38 8.12
C GLN A 3 -22.98 -8.01 7.14
N GLN A 4 -23.52 -6.82 7.30
CA GLN A 4 -24.58 -6.35 6.43
C GLN A 4 -24.03 -5.54 5.25
N LEU A 5 -22.88 -4.91 5.47
CA LEU A 5 -22.24 -4.11 4.43
C LEU A 5 -20.95 -4.77 3.95
N GLU A 6 -20.41 -4.25 2.85
CA GLU A 6 -19.18 -4.80 2.29
C GLU A 6 -17.99 -3.91 2.61
N MET A 7 -16.99 -4.51 3.27
CA MET A 7 -15.78 -3.76 3.64
C MET A 7 -14.82 -3.66 2.47
N GLN A 8 -13.93 -2.68 2.53
CA GLN A 8 -12.96 -2.47 1.46
C GLN A 8 -11.56 -2.31 2.03
N LYS A 9 -11.12 -3.31 2.79
CA LYS A 9 -9.79 -3.29 3.39
C LYS A 9 -9.33 -4.70 3.73
N LYS A 10 -10.19 -5.46 4.42
CA LYS A 10 -9.86 -6.83 4.80
C LYS A 10 -9.66 -7.71 3.58
N GLN A 11 -10.38 -7.42 2.51
CA GLN A 11 -10.27 -8.18 1.28
C GLN A 11 -8.81 -8.22 0.84
N ILE A 12 -8.11 -7.12 1.07
CA ILE A 12 -6.70 -7.02 0.71
C ILE A 12 -5.83 -7.90 1.59
N MET A 13 -6.05 -7.84 2.91
CA MET A 13 -5.25 -8.60 3.85
C MET A 13 -5.23 -10.08 3.51
N MET A 14 -6.32 -10.56 2.95
CA MET A 14 -6.45 -11.97 2.63
C MET A 14 -5.79 -12.29 1.29
N GLN A 15 -5.55 -11.28 0.47
CA GLN A 15 -4.93 -11.49 -0.83
C GLN A 15 -3.43 -11.21 -0.80
N ILE A 16 -3.04 -10.08 -0.19
CA ILE A 16 -1.63 -9.73 -0.08
C ILE A 16 -1.44 -8.39 0.62
N LEU A 17 -1.96 -8.26 1.84
CA LEU A 17 -1.81 -7.03 2.61
C LEU A 17 -1.54 -7.35 4.08
N THR A 18 -0.50 -6.72 4.63
CA THR A 18 -0.14 -6.95 6.02
C THR A 18 -0.32 -5.66 6.83
N PRO A 19 -0.79 -5.79 8.08
CA PRO A 19 -1.01 -4.65 8.96
C PRO A 19 0.18 -3.69 8.98
N GLU A 20 1.37 -4.25 8.82
CA GLU A 20 2.60 -3.46 8.80
C GLU A 20 2.71 -2.67 7.50
N ALA A 21 2.21 -3.24 6.42
CA ALA A 21 2.27 -2.60 5.11
C ALA A 21 1.59 -1.23 5.14
N ARG A 22 0.39 -1.17 5.71
CA ARG A 22 -0.36 0.09 5.79
C ARG A 22 0.31 1.05 6.75
N SER A 23 0.63 0.57 7.95
CA SER A 23 1.29 1.40 8.96
C SER A 23 2.67 1.82 8.49
N ARG A 24 3.31 0.96 7.71
CA ARG A 24 4.64 1.25 7.18
C ARG A 24 4.59 2.47 6.27
N LEU A 25 3.64 2.47 5.33
CA LEU A 25 3.48 3.59 4.43
C LEU A 25 3.36 4.89 5.20
N ALA A 26 2.44 4.91 6.15
CA ALA A 26 2.24 6.09 6.99
C ALA A 26 3.55 6.54 7.60
N ASN A 27 4.39 5.56 7.96
CA ASN A 27 5.68 5.84 8.55
C ASN A 27 6.66 6.38 7.53
N LEU A 28 6.79 5.67 6.41
CA LEU A 28 7.71 6.04 5.36
C LEU A 28 7.52 7.48 4.89
N ARG A 29 6.32 8.00 5.07
CA ARG A 29 5.98 9.35 4.61
C ARG A 29 7.02 10.37 5.06
N LEU A 30 7.65 10.13 6.21
CA LEU A 30 8.66 11.05 6.71
C LEU A 30 10.06 10.69 6.23
N THR A 31 10.22 9.49 5.69
CA THR A 31 11.53 9.06 5.19
C THR A 31 11.76 9.58 3.77
N ARG A 32 11.21 8.88 2.78
CA ARG A 32 11.35 9.31 1.39
C ARG A 32 9.98 9.56 0.75
N PRO A 33 9.78 10.72 0.12
CA PRO A 33 8.53 11.03 -0.58
C PRO A 33 8.37 10.22 -1.86
N ASP A 34 9.50 9.77 -2.40
CA ASP A 34 9.50 9.00 -3.64
C ASP A 34 8.66 7.74 -3.50
N PHE A 35 8.92 6.99 -2.44
CA PHE A 35 8.21 5.75 -2.18
C PHE A 35 6.71 6.02 -2.12
N VAL A 36 6.32 7.00 -1.31
CA VAL A 36 4.91 7.32 -1.13
C VAL A 36 4.24 7.76 -2.44
N GLU A 37 4.95 8.52 -3.26
CA GLU A 37 4.37 9.04 -4.49
C GLU A 37 3.95 7.93 -5.46
N GLN A 38 4.89 7.03 -5.79
CA GLN A 38 4.59 5.95 -6.70
C GLN A 38 3.69 4.92 -6.03
N ILE A 39 4.11 4.47 -4.85
CA ILE A 39 3.35 3.48 -4.12
C ILE A 39 1.91 3.95 -3.93
N GLU A 40 1.71 5.19 -3.51
CA GLU A 40 0.36 5.70 -3.32
C GLU A 40 -0.47 5.52 -4.58
N LEU A 41 0.05 6.00 -5.71
CA LEU A 41 -0.66 5.88 -6.98
C LEU A 41 -0.94 4.41 -7.30
N GLN A 42 0.11 3.59 -7.25
CA GLN A 42 -0.02 2.17 -7.54
C GLN A 42 -0.92 1.48 -6.51
N LEU A 43 -0.80 1.89 -5.25
CA LEU A 43 -1.58 1.30 -4.16
C LEU A 43 -3.03 1.77 -4.19
N ILE A 44 -3.23 3.08 -4.23
CA ILE A 44 -4.57 3.65 -4.22
C ILE A 44 -5.44 3.00 -5.28
N GLN A 45 -4.85 2.77 -6.44
CA GLN A 45 -5.55 2.17 -7.54
C GLN A 45 -5.80 0.68 -7.32
N LEU A 46 -4.78 -0.01 -6.82
CA LEU A 46 -4.87 -1.45 -6.59
C LEU A 46 -5.80 -1.81 -5.42
N ALA A 47 -5.54 -1.21 -4.26
CA ALA A 47 -6.32 -1.51 -3.06
C ALA A 47 -7.78 -1.08 -3.21
N GLN A 48 -7.99 0.18 -3.58
CA GLN A 48 -9.34 0.72 -3.72
C GLN A 48 -10.19 -0.12 -4.67
N MET A 49 -9.54 -0.80 -5.60
CA MET A 49 -10.25 -1.64 -6.56
C MET A 49 -11.20 -2.61 -5.85
N GLY A 50 -11.86 -3.45 -6.63
CA GLY A 50 -12.78 -4.42 -6.05
C GLY A 50 -12.83 -5.71 -6.84
N ARG A 51 -11.76 -5.99 -7.58
CA ARG A 51 -11.68 -7.20 -8.38
C ARG A 51 -10.62 -8.16 -7.85
N VAL A 52 -9.36 -7.89 -8.17
CA VAL A 52 -8.26 -8.72 -7.72
C VAL A 52 -6.97 -7.92 -7.58
N ARG A 53 -7.08 -6.74 -6.97
CA ARG A 53 -5.92 -5.88 -6.77
C ARG A 53 -5.78 -5.49 -5.30
N SER A 54 -4.68 -5.91 -4.69
CA SER A 54 -4.44 -5.62 -3.28
C SER A 54 -3.14 -4.83 -3.09
N LYS A 55 -3.09 -4.00 -2.05
CA LYS A 55 -1.91 -3.19 -1.76
C LYS A 55 -0.69 -4.06 -1.51
N ILE A 56 0.46 -3.56 -1.92
CA ILE A 56 1.73 -4.27 -1.80
C ILE A 56 2.11 -4.48 -0.33
N THR A 57 2.70 -5.64 -0.04
CA THR A 57 3.14 -5.98 1.30
C THR A 57 4.43 -5.24 1.66
N ASP A 58 4.77 -5.23 2.94
CA ASP A 58 5.98 -4.56 3.41
C ASP A 58 7.21 -5.12 2.71
N GLU A 59 7.14 -6.39 2.31
CA GLU A 59 8.23 -7.05 1.63
C GLU A 59 8.41 -6.49 0.22
N GLN A 60 7.32 -6.51 -0.56
CA GLN A 60 7.35 -5.99 -1.91
C GLN A 60 7.44 -4.46 -1.86
N LEU A 61 6.85 -3.87 -0.82
CA LEU A 61 6.92 -2.43 -0.62
C LEU A 61 8.36 -2.02 -0.39
N LYS A 62 9.10 -2.87 0.31
CA LYS A 62 10.51 -2.64 0.59
C LYS A 62 11.28 -2.56 -0.73
N GLU A 63 11.09 -3.56 -1.58
CA GLU A 63 11.72 -3.57 -2.89
C GLU A 63 11.28 -2.32 -3.65
N LEU A 64 10.04 -1.91 -3.39
CA LEU A 64 9.49 -0.71 -4.01
C LEU A 64 10.25 0.53 -3.57
N LEU A 65 10.68 0.56 -2.31
CA LEU A 65 11.44 1.69 -1.79
C LEU A 65 12.72 1.86 -2.60
N LYS A 66 13.48 0.79 -2.73
CA LYS A 66 14.70 0.81 -3.53
C LYS A 66 14.36 1.05 -4.98
N ARG A 67 13.19 0.55 -5.39
CA ARG A 67 12.69 0.73 -6.74
C ARG A 67 12.61 2.19 -7.12
N VAL A 68 11.98 2.98 -6.25
CA VAL A 68 11.81 4.41 -6.49
C VAL A 68 13.10 5.18 -6.21
N ALA A 69 13.70 4.91 -5.05
CA ALA A 69 14.92 5.59 -4.66
C ALA A 69 16.12 5.09 -5.45
N GLY A 70 16.96 6.02 -5.90
CA GLY A 70 18.13 5.65 -6.67
C GLY A 70 19.39 6.36 -6.18
N LYS A 71 19.26 7.66 -5.91
CA LYS A 71 20.39 8.45 -5.44
C LYS A 71 20.82 8.01 -4.04
N LYS A 72 22.05 8.36 -3.67
CA LYS A 72 22.58 7.99 -2.36
C LYS A 72 23.40 9.15 -1.78
N MET A 1 -9.11 0.44 16.99
CA MET A 1 -9.27 1.79 16.40
C MET A 1 -10.69 2.03 15.93
N ARG A 2 -11.15 3.27 16.05
CA ARG A 2 -12.50 3.63 15.64
C ARG A 2 -12.49 4.86 14.73
N GLN A 3 -13.62 5.12 14.10
CA GLN A 3 -13.73 6.27 13.19
C GLN A 3 -15.17 6.44 12.72
N GLN A 4 -15.62 5.53 11.85
CA GLN A 4 -16.96 5.57 11.33
C GLN A 4 -17.20 4.44 10.32
N LEU A 5 -16.62 4.60 9.13
CA LEU A 5 -16.76 3.59 8.08
C LEU A 5 -15.49 2.76 7.95
N GLU A 6 -15.32 1.80 8.84
CA GLU A 6 -14.15 0.93 8.82
C GLU A 6 -14.50 -0.43 8.21
N MET A 7 -14.98 -0.40 6.98
CA MET A 7 -15.35 -1.62 6.27
C MET A 7 -14.36 -1.94 5.16
N GLN A 8 -14.29 -3.22 4.78
CA GLN A 8 -13.39 -3.64 3.73
C GLN A 8 -11.94 -3.33 4.09
N LYS A 9 -11.23 -4.35 4.57
CA LYS A 9 -9.83 -4.19 4.96
C LYS A 9 -9.15 -5.55 5.09
N LYS A 10 -9.83 -6.49 5.74
CA LYS A 10 -9.31 -7.83 5.92
C LYS A 10 -9.20 -8.55 4.59
N GLN A 11 -10.09 -8.23 3.66
CA GLN A 11 -10.10 -8.87 2.35
C GLN A 11 -8.73 -8.78 1.70
N ILE A 12 -8.18 -7.58 1.63
CA ILE A 12 -6.86 -7.39 1.06
C ILE A 12 -5.83 -8.23 1.80
N MET A 13 -5.93 -8.23 3.12
CA MET A 13 -5.01 -8.97 3.96
C MET A 13 -4.95 -10.43 3.54
N MET A 14 -6.06 -10.92 2.99
CA MET A 14 -6.16 -12.30 2.56
C MET A 14 -5.50 -12.50 1.19
N GLN A 15 -5.30 -11.43 0.44
CA GLN A 15 -4.71 -11.54 -0.88
C GLN A 15 -3.22 -11.19 -0.88
N ILE A 16 -2.86 -10.08 -0.23
CA ILE A 16 -1.45 -9.66 -0.13
C ILE A 16 -1.32 -8.34 0.64
N LEU A 17 -1.93 -8.26 1.81
CA LEU A 17 -1.84 -7.04 2.61
C LEU A 17 -1.46 -7.36 4.05
N THR A 18 -0.45 -6.67 4.55
CA THR A 18 0.01 -6.85 5.92
C THR A 18 -0.09 -5.55 6.70
N PRO A 19 -0.35 -5.62 8.01
CA PRO A 19 -0.44 -4.43 8.86
C PRO A 19 0.75 -3.50 8.62
N GLU A 20 1.86 -4.08 8.18
CA GLU A 20 3.07 -3.32 7.92
C GLU A 20 2.92 -2.47 6.65
N ALA A 21 2.35 -3.04 5.60
CA ALA A 21 2.19 -2.31 4.34
C ALA A 21 1.47 -0.99 4.57
N ARG A 22 0.37 -1.03 5.31
CA ARG A 22 -0.41 0.17 5.60
C ARG A 22 0.30 1.06 6.62
N SER A 23 0.72 0.47 7.72
CA SER A 23 1.40 1.21 8.78
C SER A 23 2.71 1.83 8.26
N ARG A 24 3.45 1.05 7.48
CA ARG A 24 4.71 1.53 6.93
C ARG A 24 4.49 2.76 6.07
N LEU A 25 3.61 2.63 5.08
CA LEU A 25 3.32 3.72 4.16
C LEU A 25 3.02 5.00 4.92
N ALA A 26 2.31 4.88 6.03
CA ALA A 26 2.00 6.02 6.87
C ALA A 26 3.27 6.56 7.52
N ASN A 27 4.16 5.62 7.88
CA ASN A 27 5.42 5.96 8.51
C ASN A 27 6.40 6.55 7.50
N LEU A 28 6.55 5.86 6.37
CA LEU A 28 7.50 6.26 5.34
C LEU A 28 7.29 7.72 4.94
N ARG A 29 6.09 8.22 5.16
CA ARG A 29 5.77 9.60 4.80
C ARG A 29 6.82 10.55 5.35
N LEU A 30 7.44 10.17 6.45
CA LEU A 30 8.47 10.99 7.08
C LEU A 30 9.87 10.67 6.53
N THR A 31 10.01 9.53 5.88
CA THR A 31 11.29 9.10 5.34
C THR A 31 11.51 9.68 3.94
N ARG A 32 10.98 9.00 2.93
CA ARG A 32 11.14 9.46 1.55
C ARG A 32 9.77 9.69 0.90
N PRO A 33 9.56 10.87 0.29
CA PRO A 33 8.32 11.19 -0.41
C PRO A 33 8.21 10.45 -1.75
N ASP A 34 9.34 9.96 -2.24
CA ASP A 34 9.39 9.27 -3.52
C ASP A 34 8.64 7.94 -3.47
N PHE A 35 8.98 7.12 -2.50
CA PHE A 35 8.36 5.81 -2.35
C PHE A 35 6.83 5.96 -2.30
N VAL A 36 6.36 6.83 -1.42
CA VAL A 36 4.92 7.06 -1.26
C VAL A 36 4.25 7.39 -2.59
N GLU A 37 4.77 8.40 -3.28
CA GLU A 37 4.17 8.85 -4.53
C GLU A 37 3.93 7.71 -5.51
N GLN A 38 4.98 6.94 -5.78
CA GLN A 38 4.87 5.82 -6.72
C GLN A 38 4.07 4.67 -6.11
N ILE A 39 4.47 4.25 -4.92
CA ILE A 39 3.78 3.17 -4.24
C ILE A 39 2.30 3.49 -4.08
N GLU A 40 2.00 4.71 -3.63
CA GLU A 40 0.63 5.14 -3.44
C GLU A 40 -0.20 4.94 -4.70
N LEU A 41 0.31 5.42 -5.82
CA LEU A 41 -0.41 5.29 -7.09
C LEU A 41 -0.86 3.85 -7.32
N GLN A 42 0.08 2.92 -7.22
CA GLN A 42 -0.22 1.51 -7.40
C GLN A 42 -0.97 0.95 -6.20
N LEU A 43 -0.66 1.48 -5.02
CA LEU A 43 -1.28 1.04 -3.78
C LEU A 43 -2.75 1.43 -3.72
N ILE A 44 -3.02 2.72 -3.93
CA ILE A 44 -4.38 3.24 -3.88
C ILE A 44 -5.27 2.57 -4.92
N GLN A 45 -4.74 2.37 -6.12
CA GLN A 45 -5.51 1.76 -7.20
C GLN A 45 -5.78 0.29 -6.93
N LEU A 46 -4.84 -0.38 -6.26
CA LEU A 46 -4.97 -1.80 -5.98
C LEU A 46 -6.05 -2.08 -4.94
N ALA A 47 -5.95 -1.43 -3.78
CA ALA A 47 -6.91 -1.63 -2.71
C ALA A 47 -8.24 -0.95 -3.00
N GLN A 48 -8.19 0.34 -3.31
CA GLN A 48 -9.41 1.11 -3.57
C GLN A 48 -10.04 0.74 -4.91
N MET A 49 -9.20 0.53 -5.92
CA MET A 49 -9.70 0.21 -7.26
C MET A 49 -9.55 -1.28 -7.55
N GLY A 50 -10.36 -1.77 -8.49
CA GLY A 50 -10.30 -3.17 -8.85
C GLY A 50 -10.97 -4.06 -7.83
N ARG A 51 -11.52 -5.18 -8.31
CA ARG A 51 -12.20 -6.13 -7.43
C ARG A 51 -11.23 -7.22 -6.96
N VAL A 52 -10.35 -7.63 -7.86
CA VAL A 52 -9.37 -8.66 -7.56
C VAL A 52 -7.97 -8.06 -7.40
N ARG A 53 -7.91 -6.88 -6.81
CA ARG A 53 -6.64 -6.19 -6.60
C ARG A 53 -6.47 -5.79 -5.14
N SER A 54 -5.33 -6.17 -4.56
CA SER A 54 -5.05 -5.87 -3.16
C SER A 54 -3.78 -5.03 -3.02
N LYS A 55 -3.74 -4.17 -2.01
CA LYS A 55 -2.58 -3.32 -1.78
C LYS A 55 -1.32 -4.18 -1.57
N ILE A 56 -0.20 -3.67 -2.05
CA ILE A 56 1.07 -4.37 -1.98
C ILE A 56 1.56 -4.55 -0.54
N THR A 57 2.17 -5.69 -0.27
CA THR A 57 2.69 -6.00 1.06
C THR A 57 3.99 -5.24 1.33
N ASP A 58 4.29 -5.04 2.61
CA ASP A 58 5.50 -4.34 3.01
C ASP A 58 6.72 -4.93 2.33
N GLU A 59 6.71 -6.25 2.14
CA GLU A 59 7.82 -6.93 1.49
C GLU A 59 8.12 -6.30 0.13
N GLN A 60 7.07 -6.17 -0.69
CA GLN A 60 7.23 -5.58 -2.00
C GLN A 60 7.51 -4.07 -1.91
N LEU A 61 6.77 -3.39 -1.04
CA LEU A 61 6.99 -1.96 -0.83
C LEU A 61 8.45 -1.71 -0.51
N LYS A 62 9.06 -2.66 0.18
CA LYS A 62 10.46 -2.52 0.54
C LYS A 62 11.32 -2.59 -0.72
N GLU A 63 11.09 -3.61 -1.54
CA GLU A 63 11.78 -3.73 -2.82
C GLU A 63 11.49 -2.50 -3.65
N LEU A 64 10.28 -1.98 -3.49
CA LEU A 64 9.88 -0.77 -4.17
C LEU A 64 10.68 0.41 -3.65
N LEU A 65 10.95 0.41 -2.35
CA LEU A 65 11.72 1.46 -1.72
C LEU A 65 13.09 1.63 -2.37
N LYS A 66 13.77 0.52 -2.59
CA LYS A 66 15.09 0.55 -3.18
C LYS A 66 15.04 1.03 -4.63
N ARG A 67 14.07 0.53 -5.38
CA ARG A 67 13.92 0.90 -6.78
C ARG A 67 13.33 2.30 -6.94
N VAL A 68 12.41 2.67 -6.05
CA VAL A 68 11.77 3.98 -6.11
C VAL A 68 12.73 5.08 -5.67
N ALA A 69 13.49 4.83 -4.60
CA ALA A 69 14.43 5.80 -4.08
C ALA A 69 15.52 6.12 -5.11
N GLY A 70 15.75 7.41 -5.32
CA GLY A 70 16.76 7.83 -6.28
C GLY A 70 18.16 7.65 -5.75
N LYS A 71 18.66 6.41 -5.76
CA LYS A 71 20.00 6.11 -5.27
C LYS A 71 20.40 4.70 -5.65
N LYS A 72 19.47 3.76 -5.55
CA LYS A 72 19.73 2.37 -5.88
C LYS A 72 18.84 1.90 -7.04
N MET A 1 -11.58 10.06 14.37
CA MET A 1 -11.82 8.71 13.80
C MET A 1 -13.11 8.11 14.33
N ARG A 2 -14.21 8.37 13.63
CA ARG A 2 -15.52 7.85 14.02
C ARG A 2 -16.35 7.48 12.80
N GLN A 3 -17.14 6.42 12.93
CA GLN A 3 -17.98 5.96 11.83
C GLN A 3 -17.15 5.68 10.58
N GLN A 4 -16.69 4.45 10.44
CA GLN A 4 -15.88 4.06 9.29
C GLN A 4 -16.67 3.17 8.34
N LEU A 5 -16.00 2.69 7.30
CA LEU A 5 -16.65 1.82 6.32
C LEU A 5 -16.18 0.39 6.45
N GLU A 6 -17.11 -0.56 6.42
CA GLU A 6 -16.77 -1.97 6.54
C GLU A 6 -16.30 -2.53 5.20
N MET A 7 -15.52 -3.60 5.25
CA MET A 7 -15.00 -4.24 4.05
C MET A 7 -13.97 -3.34 3.36
N GLN A 8 -13.45 -3.81 2.23
CA GLN A 8 -12.46 -3.04 1.49
C GLN A 8 -11.16 -2.91 2.27
N LYS A 9 -10.85 -3.92 3.08
CA LYS A 9 -9.64 -3.91 3.90
C LYS A 9 -9.15 -5.33 4.15
N LYS A 10 -9.90 -6.07 4.96
CA LYS A 10 -9.53 -7.45 5.30
C LYS A 10 -9.44 -8.32 4.05
N GLN A 11 -10.27 -8.02 3.05
CA GLN A 11 -10.26 -8.78 1.81
C GLN A 11 -8.84 -8.83 1.24
N ILE A 12 -8.20 -7.67 1.21
CA ILE A 12 -6.83 -7.56 0.74
C ILE A 12 -5.90 -8.38 1.64
N MET A 13 -6.13 -8.27 2.95
CA MET A 13 -5.31 -8.95 3.94
C MET A 13 -5.22 -10.44 3.64
N MET A 14 -6.27 -10.99 3.04
CA MET A 14 -6.32 -12.40 2.73
C MET A 14 -5.56 -12.72 1.44
N GLN A 15 -5.29 -11.70 0.63
CA GLN A 15 -4.59 -11.91 -0.64
C GLN A 15 -3.09 -11.60 -0.54
N ILE A 16 -2.76 -10.46 0.09
CA ILE A 16 -1.36 -10.06 0.24
C ILE A 16 -1.22 -8.72 0.93
N LEU A 17 -2.01 -8.50 1.98
CA LEU A 17 -1.95 -7.24 2.72
C LEU A 17 -1.69 -7.50 4.19
N THR A 18 -0.70 -6.81 4.75
CA THR A 18 -0.36 -6.96 6.15
C THR A 18 -0.59 -5.64 6.90
N PRO A 19 -1.10 -5.71 8.14
CA PRO A 19 -1.35 -4.51 8.94
C PRO A 19 -0.16 -3.57 8.94
N GLU A 20 1.03 -4.14 8.82
CA GLU A 20 2.25 -3.35 8.80
C GLU A 20 2.40 -2.62 7.46
N ALA A 21 1.92 -3.25 6.39
CA ALA A 21 1.99 -2.66 5.07
C ALA A 21 1.29 -1.29 5.03
N ARG A 22 0.06 -1.24 5.54
CA ARG A 22 -0.69 0.00 5.58
C ARG A 22 -0.02 1.02 6.49
N SER A 23 0.32 0.58 7.70
CA SER A 23 0.98 1.44 8.67
C SER A 23 2.36 1.87 8.18
N ARG A 24 2.98 1.02 7.37
CA ARG A 24 4.29 1.32 6.82
C ARG A 24 4.21 2.48 5.83
N LEU A 25 3.19 2.44 4.99
CA LEU A 25 2.98 3.50 4.00
C LEU A 25 2.88 4.85 4.69
N ALA A 26 1.97 4.92 5.65
CA ALA A 26 1.77 6.13 6.44
C ALA A 26 3.08 6.55 7.08
N ASN A 27 3.86 5.55 7.49
CA ASN A 27 5.14 5.78 8.14
C ASN A 27 6.20 6.25 7.15
N LEU A 28 6.30 5.54 6.03
CA LEU A 28 7.31 5.83 5.02
C LEU A 28 7.31 7.31 4.64
N ARG A 29 6.17 7.96 4.82
CA ARG A 29 6.06 9.39 4.50
C ARG A 29 7.19 10.17 5.16
N LEU A 30 7.66 9.65 6.29
CA LEU A 30 8.70 10.28 7.07
C LEU A 30 10.09 10.05 6.46
N THR A 31 10.21 9.02 5.63
CA THR A 31 11.49 8.67 5.04
C THR A 31 11.69 9.30 3.66
N ARG A 32 11.20 8.61 2.62
CA ARG A 32 11.37 9.09 1.25
C ARG A 32 10.03 9.23 0.54
N PRO A 33 9.80 10.37 -0.14
CA PRO A 33 8.56 10.61 -0.90
C PRO A 33 8.48 9.72 -2.13
N ASP A 34 9.65 9.29 -2.62
CA ASP A 34 9.72 8.43 -3.79
C ASP A 34 8.81 7.23 -3.62
N PHE A 35 8.99 6.52 -2.52
CA PHE A 35 8.18 5.35 -2.23
C PHE A 35 6.70 5.74 -2.22
N VAL A 36 6.36 6.71 -1.39
CA VAL A 36 4.97 7.13 -1.24
C VAL A 36 4.34 7.54 -2.56
N GLU A 37 4.96 8.49 -3.27
CA GLU A 37 4.38 8.99 -4.51
C GLU A 37 4.10 7.85 -5.50
N GLN A 38 5.12 7.05 -5.77
CA GLN A 38 5.00 5.93 -6.70
C GLN A 38 4.11 4.84 -6.11
N ILE A 39 4.40 4.47 -4.87
CA ILE A 39 3.66 3.43 -4.19
C ILE A 39 2.20 3.82 -4.00
N GLU A 40 1.95 5.00 -3.46
CA GLU A 40 0.59 5.45 -3.22
C GLU A 40 -0.27 5.33 -4.47
N LEU A 41 0.24 5.85 -5.59
CA LEU A 41 -0.50 5.79 -6.85
C LEU A 41 -0.93 4.37 -7.17
N GLN A 42 0.03 3.45 -7.16
CA GLN A 42 -0.25 2.05 -7.47
C GLN A 42 -1.00 1.37 -6.32
N LEU A 43 -0.69 1.78 -5.10
CA LEU A 43 -1.32 1.21 -3.91
C LEU A 43 -2.77 1.65 -3.79
N ILE A 44 -3.01 2.95 -3.86
CA ILE A 44 -4.36 3.49 -3.74
C ILE A 44 -5.29 2.89 -4.78
N GLN A 45 -4.82 2.81 -6.01
CA GLN A 45 -5.61 2.32 -7.11
C GLN A 45 -5.94 0.84 -6.98
N LEU A 46 -4.96 0.06 -6.52
CA LEU A 46 -5.14 -1.40 -6.40
C LEU A 46 -6.09 -1.75 -5.26
N ALA A 47 -5.81 -1.25 -4.05
CA ALA A 47 -6.64 -1.56 -2.89
C ALA A 47 -7.98 -0.86 -2.93
N GLN A 48 -7.96 0.46 -3.10
CA GLN A 48 -9.18 1.26 -3.12
C GLN A 48 -9.96 1.06 -4.41
N MET A 49 -9.25 0.94 -5.53
CA MET A 49 -9.89 0.76 -6.82
C MET A 49 -9.73 -0.67 -7.32
N GLY A 50 -10.72 -1.15 -8.07
CA GLY A 50 -10.68 -2.49 -8.60
C GLY A 50 -10.66 -3.56 -7.51
N ARG A 51 -11.48 -4.58 -7.68
CA ARG A 51 -11.56 -5.67 -6.72
C ARG A 51 -10.84 -6.91 -7.24
N VAL A 52 -9.77 -6.69 -8.00
CA VAL A 52 -8.98 -7.78 -8.55
C VAL A 52 -7.49 -7.61 -8.27
N ARG A 53 -7.19 -6.85 -7.21
CA ARG A 53 -5.80 -6.61 -6.82
C ARG A 53 -5.72 -6.17 -5.36
N SER A 54 -4.63 -6.55 -4.70
CA SER A 54 -4.45 -6.21 -3.29
C SER A 54 -3.19 -5.37 -3.09
N LYS A 55 -3.21 -4.51 -2.06
CA LYS A 55 -2.09 -3.63 -1.76
C LYS A 55 -0.82 -4.42 -1.46
N ILE A 56 0.31 -3.86 -1.86
CA ILE A 56 1.61 -4.50 -1.69
C ILE A 56 1.96 -4.69 -0.21
N THR A 57 2.60 -5.81 0.09
CA THR A 57 3.00 -6.13 1.45
C THR A 57 4.26 -5.36 1.85
N ASP A 58 4.49 -5.26 3.16
CA ASP A 58 5.66 -4.56 3.67
C ASP A 58 6.94 -5.10 3.04
N GLU A 59 6.94 -6.40 2.76
CA GLU A 59 8.10 -7.06 2.15
C GLU A 59 8.32 -6.52 0.74
N GLN A 60 7.28 -6.58 -0.07
CA GLN A 60 7.35 -6.07 -1.43
C GLN A 60 7.52 -4.56 -1.42
N LEU A 61 6.79 -3.91 -0.52
CA LEU A 61 6.89 -2.47 -0.36
C LEU A 61 8.32 -2.08 -0.03
N LYS A 62 9.01 -2.94 0.71
CA LYS A 62 10.40 -2.70 1.07
C LYS A 62 11.27 -2.65 -0.20
N GLU A 63 11.13 -3.67 -1.03
CA GLU A 63 11.84 -3.70 -2.29
C GLU A 63 11.50 -2.46 -3.10
N LEU A 64 10.26 -2.00 -2.95
CA LEU A 64 9.79 -0.82 -3.64
C LEU A 64 10.53 0.42 -3.17
N LEU A 65 10.90 0.44 -1.90
CA LEU A 65 11.66 1.56 -1.34
C LEU A 65 13.02 1.66 -2.02
N LYS A 66 13.65 0.51 -2.20
CA LYS A 66 14.97 0.43 -2.80
C LYS A 66 14.95 0.80 -4.28
N ARG A 67 13.98 0.29 -5.01
CA ARG A 67 13.90 0.55 -6.45
C ARG A 67 13.55 2.01 -6.74
N VAL A 68 12.55 2.55 -6.04
CA VAL A 68 12.14 3.92 -6.27
C VAL A 68 13.28 4.89 -5.94
N ALA A 69 13.92 4.67 -4.80
CA ALA A 69 15.04 5.51 -4.37
C ALA A 69 16.22 5.37 -5.31
N GLY A 70 16.57 6.47 -5.98
CA GLY A 70 17.68 6.45 -6.91
C GLY A 70 17.72 7.68 -7.80
N LYS A 71 17.50 8.84 -7.21
CA LYS A 71 17.50 10.09 -7.96
C LYS A 71 18.50 11.08 -7.37
N LYS A 72 18.09 11.76 -6.31
CA LYS A 72 18.95 12.72 -5.64
C LYS A 72 19.43 12.20 -4.28
N MET A 1 -25.27 0.45 0.31
CA MET A 1 -25.97 -0.43 1.26
C MET A 1 -25.28 -1.79 1.38
N ARG A 2 -25.03 -2.22 2.61
CA ARG A 2 -24.37 -3.50 2.85
C ARG A 2 -25.34 -4.65 2.62
N GLN A 3 -24.78 -5.82 2.28
CA GLN A 3 -25.59 -7.01 2.03
C GLN A 3 -24.73 -8.27 2.10
N GLN A 4 -23.79 -8.40 1.18
CA GLN A 4 -22.92 -9.56 1.13
C GLN A 4 -21.50 -9.15 0.76
N LEU A 5 -20.76 -8.61 1.73
CA LEU A 5 -19.39 -8.18 1.50
C LEU A 5 -18.49 -8.61 2.65
N GLU A 6 -17.24 -8.91 2.33
CA GLU A 6 -16.27 -9.35 3.34
C GLU A 6 -15.50 -8.17 3.91
N MET A 7 -16.23 -7.14 4.33
CA MET A 7 -15.62 -5.94 4.89
C MET A 7 -14.90 -5.14 3.82
N GLN A 8 -14.58 -3.89 4.14
CA GLN A 8 -13.89 -3.01 3.20
C GLN A 8 -12.39 -3.00 3.48
N LYS A 9 -11.88 -4.11 4.02
CA LYS A 9 -10.47 -4.23 4.33
C LYS A 9 -10.01 -5.68 4.26
N LYS A 10 -10.83 -6.58 4.80
CA LYS A 10 -10.50 -8.00 4.79
C LYS A 10 -10.18 -8.49 3.37
N GLN A 11 -10.85 -7.90 2.39
CA GLN A 11 -10.64 -8.28 1.00
C GLN A 11 -9.16 -8.19 0.63
N ILE A 12 -8.56 -7.04 0.91
CA ILE A 12 -7.14 -6.84 0.60
C ILE A 12 -6.27 -7.70 1.51
N MET A 13 -6.65 -7.76 2.79
CA MET A 13 -5.93 -8.55 3.76
C MET A 13 -5.85 -10.01 3.33
N MET A 14 -6.85 -10.45 2.58
CA MET A 14 -6.90 -11.83 2.10
C MET A 14 -6.06 -12.01 0.84
N GLN A 15 -5.69 -10.92 0.17
CA GLN A 15 -4.96 -11.02 -1.09
C GLN A 15 -3.44 -10.84 -0.92
N ILE A 16 -3.04 -9.80 -0.18
CA ILE A 16 -1.61 -9.53 0.05
C ILE A 16 -1.40 -8.29 0.92
N LEU A 17 -2.24 -8.14 1.95
CA LEU A 17 -2.10 -7.02 2.86
C LEU A 17 -1.40 -7.44 4.14
N THR A 18 -0.42 -6.65 4.57
CA THR A 18 0.29 -6.94 5.79
C THR A 18 0.11 -5.81 6.80
N PRO A 19 0.03 -6.15 8.10
CA PRO A 19 -0.12 -5.14 9.15
C PRO A 19 0.87 -4.00 8.98
N GLU A 20 2.08 -4.35 8.59
CA GLU A 20 3.12 -3.36 8.35
C GLU A 20 2.88 -2.59 7.06
N ALA A 21 2.29 -3.27 6.08
CA ALA A 21 2.04 -2.65 4.77
C ALA A 21 1.32 -1.31 4.91
N ARG A 22 0.20 -1.32 5.63
CA ARG A 22 -0.60 -0.12 5.81
C ARG A 22 0.08 0.90 6.72
N SER A 23 0.53 0.44 7.88
CA SER A 23 1.18 1.32 8.86
C SER A 23 2.51 1.85 8.35
N ARG A 24 3.31 0.96 7.74
CA ARG A 24 4.61 1.35 7.22
C ARG A 24 4.50 2.47 6.21
N LEU A 25 3.68 2.26 5.18
CA LEU A 25 3.50 3.28 4.15
C LEU A 25 3.15 4.62 4.76
N ALA A 26 2.13 4.63 5.62
CA ALA A 26 1.70 5.84 6.29
C ALA A 26 2.88 6.49 7.01
N ASN A 27 3.72 5.64 7.62
CA ASN A 27 4.89 6.11 8.35
C ASN A 27 5.98 6.61 7.42
N LEU A 28 6.21 5.85 6.36
CA LEU A 28 7.27 6.16 5.41
C LEU A 28 7.22 7.60 4.93
N ARG A 29 6.04 8.21 4.97
CA ARG A 29 5.89 9.59 4.53
C ARG A 29 6.90 10.50 5.22
N LEU A 30 7.30 10.12 6.43
CA LEU A 30 8.25 10.92 7.20
C LEU A 30 9.70 10.58 6.83
N THR A 31 9.89 9.70 5.84
CA THR A 31 11.24 9.31 5.43
C THR A 31 11.55 9.82 4.02
N ARG A 32 11.09 9.08 3.01
CA ARG A 32 11.33 9.47 1.62
C ARG A 32 10.01 9.68 0.88
N PRO A 33 9.86 10.82 0.17
CA PRO A 33 8.66 11.10 -0.62
C PRO A 33 8.61 10.22 -1.88
N ASP A 34 9.75 9.66 -2.27
CA ASP A 34 9.83 8.81 -3.45
C ASP A 34 9.00 7.55 -3.27
N PHE A 35 9.24 6.84 -2.17
CA PHE A 35 8.52 5.62 -1.89
C PHE A 35 7.01 5.86 -1.83
N VAL A 36 6.59 6.80 -0.99
CA VAL A 36 5.17 7.08 -0.84
C VAL A 36 4.53 7.52 -2.16
N GLU A 37 5.16 8.47 -2.85
CA GLU A 37 4.59 9.01 -4.08
C GLU A 37 4.36 7.92 -5.14
N GLN A 38 5.39 7.15 -5.44
CA GLN A 38 5.29 6.09 -6.44
C GLN A 38 4.38 4.98 -5.93
N ILE A 39 4.68 4.50 -4.72
CA ILE A 39 3.87 3.46 -4.11
C ILE A 39 2.42 3.91 -4.04
N GLU A 40 2.19 5.16 -3.66
CA GLU A 40 0.84 5.68 -3.52
C GLU A 40 0.04 5.41 -4.79
N LEU A 41 0.60 5.80 -5.93
CA LEU A 41 -0.06 5.58 -7.21
C LEU A 41 -0.49 4.12 -7.36
N GLN A 42 0.45 3.20 -7.17
CA GLN A 42 0.16 1.77 -7.26
C GLN A 42 -0.77 1.34 -6.13
N LEU A 43 -0.40 1.71 -4.91
CA LEU A 43 -1.16 1.35 -3.71
C LEU A 43 -2.62 1.80 -3.86
N ILE A 44 -2.82 3.06 -4.21
CA ILE A 44 -4.16 3.59 -4.36
C ILE A 44 -4.95 2.81 -5.40
N GLN A 45 -4.25 2.32 -6.42
CA GLN A 45 -4.88 1.56 -7.49
C GLN A 45 -5.41 0.21 -6.99
N LEU A 46 -4.56 -0.54 -6.29
CA LEU A 46 -4.93 -1.87 -5.82
C LEU A 46 -5.96 -1.82 -4.68
N ALA A 47 -5.64 -1.07 -3.64
CA ALA A 47 -6.52 -1.00 -2.47
C ALA A 47 -7.93 -0.51 -2.84
N GLN A 48 -8.00 0.60 -3.58
CA GLN A 48 -9.28 1.15 -3.98
C GLN A 48 -10.11 0.13 -4.74
N MET A 49 -9.44 -0.85 -5.35
CA MET A 49 -10.12 -1.88 -6.12
C MET A 49 -10.74 -2.93 -5.20
N GLY A 50 -11.54 -3.82 -5.78
CA GLY A 50 -12.20 -4.85 -5.00
C GLY A 50 -12.57 -6.07 -5.83
N ARG A 51 -11.56 -6.82 -6.26
CA ARG A 51 -11.78 -8.01 -7.06
C ARG A 51 -10.51 -8.86 -7.15
N VAL A 52 -9.48 -8.31 -7.77
CA VAL A 52 -8.22 -9.01 -7.91
C VAL A 52 -7.04 -8.05 -7.81
N ARG A 53 -7.24 -6.96 -7.06
CA ARG A 53 -6.19 -5.96 -6.88
C ARG A 53 -6.12 -5.51 -5.43
N SER A 54 -5.04 -5.90 -4.74
CA SER A 54 -4.84 -5.54 -3.35
C SER A 54 -3.55 -4.76 -3.18
N LYS A 55 -3.50 -3.88 -2.18
CA LYS A 55 -2.32 -3.08 -1.93
C LYS A 55 -1.10 -3.96 -1.68
N ILE A 56 0.05 -3.48 -2.14
CA ILE A 56 1.31 -4.22 -2.04
C ILE A 56 1.74 -4.41 -0.58
N THR A 57 2.35 -5.56 -0.30
CA THR A 57 2.81 -5.88 1.04
C THR A 57 4.09 -5.12 1.39
N ASP A 58 4.38 -5.02 2.69
CA ASP A 58 5.56 -4.32 3.16
C ASP A 58 6.81 -4.83 2.46
N GLU A 59 6.84 -6.13 2.18
CA GLU A 59 7.97 -6.76 1.52
C GLU A 59 8.18 -6.17 0.13
N GLN A 60 7.12 -6.17 -0.68
CA GLN A 60 7.19 -5.61 -2.02
C GLN A 60 7.23 -4.09 -1.94
N LEU A 61 6.53 -3.54 -0.96
CA LEU A 61 6.54 -2.10 -0.73
C LEU A 61 7.97 -1.65 -0.45
N LYS A 62 8.72 -2.52 0.21
CA LYS A 62 10.12 -2.23 0.50
C LYS A 62 10.91 -2.16 -0.79
N GLU A 63 10.72 -3.16 -1.65
CA GLU A 63 11.36 -3.18 -2.96
C GLU A 63 11.03 -1.89 -3.69
N LEU A 64 9.81 -1.39 -3.48
CA LEU A 64 9.40 -0.13 -4.08
C LEU A 64 10.30 0.98 -3.57
N LEU A 65 10.71 0.85 -2.32
CA LEU A 65 11.63 1.79 -1.70
C LEU A 65 12.94 1.86 -2.47
N LYS A 66 13.53 0.70 -2.71
CA LYS A 66 14.80 0.61 -3.40
C LYS A 66 14.69 1.08 -4.84
N ARG A 67 13.72 0.54 -5.57
CA ARG A 67 13.56 0.90 -6.98
C ARG A 67 13.26 2.39 -7.14
N VAL A 68 12.37 2.93 -6.30
CA VAL A 68 12.02 4.35 -6.39
C VAL A 68 13.29 5.21 -6.29
N ALA A 69 14.15 4.89 -5.33
CA ALA A 69 15.39 5.63 -5.13
C ALA A 69 16.45 5.19 -6.13
N GLY A 70 17.21 6.16 -6.62
CA GLY A 70 18.26 5.86 -7.59
C GLY A 70 19.63 6.19 -7.07
N LYS A 71 19.78 7.39 -6.49
CA LYS A 71 21.06 7.82 -5.96
C LYS A 71 21.11 7.63 -4.43
N LYS A 72 22.29 7.80 -3.87
CA LYS A 72 22.48 7.66 -2.42
C LYS A 72 23.59 8.56 -1.92
N MET A 1 -29.31 0.38 1.59
CA MET A 1 -28.90 -0.28 0.32
C MET A 1 -29.39 0.49 -0.89
N ARG A 2 -28.51 0.68 -1.86
CA ARG A 2 -28.86 1.41 -3.08
C ARG A 2 -27.66 1.53 -4.02
N GLN A 3 -27.11 0.39 -4.42
CA GLN A 3 -25.95 0.38 -5.31
C GLN A 3 -24.82 1.22 -4.74
N GLN A 4 -24.06 0.63 -3.82
CA GLN A 4 -22.94 1.33 -3.21
C GLN A 4 -22.10 0.36 -2.37
N LEU A 5 -20.78 0.58 -2.38
CA LEU A 5 -19.87 -0.26 -1.62
C LEU A 5 -18.93 0.58 -0.76
N GLU A 6 -18.66 0.10 0.45
CA GLU A 6 -17.77 0.82 1.37
C GLU A 6 -16.31 0.60 0.98
N MET A 7 -15.42 0.92 1.92
CA MET A 7 -13.99 0.76 1.68
C MET A 7 -13.49 -0.57 2.23
N GLN A 8 -13.18 -1.50 1.33
CA GLN A 8 -12.70 -2.82 1.72
C GLN A 8 -11.39 -2.71 2.51
N LYS A 9 -10.99 -3.81 3.12
CA LYS A 9 -9.76 -3.85 3.90
C LYS A 9 -9.31 -5.29 4.15
N LYS A 10 -10.08 -6.02 4.94
CA LYS A 10 -9.76 -7.41 5.26
C LYS A 10 -9.62 -8.23 3.98
N GLN A 11 -10.40 -7.89 2.96
CA GLN A 11 -10.36 -8.61 1.70
C GLN A 11 -8.94 -8.66 1.16
N ILE A 12 -8.27 -7.52 1.15
CA ILE A 12 -6.89 -7.42 0.69
C ILE A 12 -5.98 -8.30 1.53
N MET A 13 -6.11 -8.19 2.85
CA MET A 13 -5.28 -8.94 3.77
C MET A 13 -5.33 -10.44 3.47
N MET A 14 -6.46 -10.89 2.94
CA MET A 14 -6.65 -12.29 2.62
C MET A 14 -5.98 -12.64 1.29
N GLN A 15 -5.73 -11.62 0.45
CA GLN A 15 -5.11 -11.85 -0.84
C GLN A 15 -3.62 -11.56 -0.82
N ILE A 16 -3.23 -10.43 -0.22
CA ILE A 16 -1.83 -10.06 -0.13
C ILE A 16 -1.63 -8.70 0.55
N LEU A 17 -2.11 -8.57 1.79
CA LEU A 17 -1.96 -7.32 2.51
C LEU A 17 -1.67 -7.59 3.99
N THR A 18 -0.63 -6.94 4.52
CA THR A 18 -0.25 -7.09 5.90
C THR A 18 -0.43 -5.77 6.66
N PRO A 19 -0.92 -5.84 7.91
CA PRO A 19 -1.14 -4.64 8.72
C PRO A 19 0.05 -3.71 8.71
N GLU A 20 1.25 -4.28 8.55
CA GLU A 20 2.47 -3.50 8.51
C GLU A 20 2.60 -2.76 7.19
N ALA A 21 2.10 -3.36 6.12
CA ALA A 21 2.19 -2.77 4.79
C ALA A 21 1.61 -1.35 4.77
N ARG A 22 0.41 -1.19 5.30
CA ARG A 22 -0.25 0.11 5.31
C ARG A 22 0.41 1.04 6.33
N SER A 23 0.58 0.55 7.55
CA SER A 23 1.20 1.35 8.61
C SER A 23 2.63 1.73 8.26
N ARG A 24 3.33 0.82 7.59
CA ARG A 24 4.71 1.06 7.18
C ARG A 24 4.76 2.20 6.17
N LEU A 25 3.79 2.21 5.26
CA LEU A 25 3.73 3.25 4.24
C LEU A 25 3.65 4.61 4.88
N ALA A 26 2.67 4.78 5.75
CA ALA A 26 2.48 6.04 6.45
C ALA A 26 3.75 6.43 7.21
N ASN A 27 4.47 5.42 7.68
CA ASN A 27 5.68 5.61 8.44
C ASN A 27 6.83 6.09 7.57
N LEU A 28 6.99 5.46 6.42
CA LEU A 28 8.09 5.74 5.53
C LEU A 28 7.94 7.08 4.79
N ARG A 29 6.70 7.53 4.65
CA ARG A 29 6.42 8.76 3.90
C ARG A 29 7.34 9.90 4.33
N LEU A 30 7.45 10.14 5.64
CA LEU A 30 8.33 11.19 6.12
C LEU A 30 9.80 10.90 5.75
N THR A 31 10.07 9.66 5.34
CA THR A 31 11.42 9.27 4.94
C THR A 31 11.71 9.70 3.50
N ARG A 32 11.04 9.05 2.55
CA ARG A 32 11.21 9.41 1.14
C ARG A 32 9.87 9.72 0.49
N PRO A 33 9.76 10.87 -0.18
CA PRO A 33 8.54 11.24 -0.90
C PRO A 33 8.35 10.41 -2.17
N ASP A 34 9.46 9.86 -2.68
CA ASP A 34 9.44 9.09 -3.92
C ASP A 34 8.65 7.79 -3.77
N PHE A 35 9.02 7.02 -2.76
CA PHE A 35 8.38 5.74 -2.52
C PHE A 35 6.86 5.91 -2.39
N VAL A 36 6.43 6.91 -1.64
CA VAL A 36 4.99 7.16 -1.46
C VAL A 36 4.31 7.47 -2.78
N GLU A 37 4.89 8.39 -3.55
CA GLU A 37 4.30 8.83 -4.81
C GLU A 37 3.97 7.65 -5.73
N GLN A 38 4.96 6.82 -5.98
CA GLN A 38 4.77 5.66 -6.85
C GLN A 38 3.92 4.60 -6.17
N ILE A 39 4.33 4.23 -4.96
CA ILE A 39 3.62 3.21 -4.20
C ILE A 39 2.15 3.59 -4.02
N GLU A 40 1.89 4.82 -3.58
CA GLU A 40 0.51 5.27 -3.35
C GLU A 40 -0.32 5.14 -4.62
N LEU A 41 0.20 5.65 -5.74
CA LEU A 41 -0.53 5.60 -7.00
C LEU A 41 -1.03 4.18 -7.28
N GLN A 42 -0.11 3.23 -7.23
CA GLN A 42 -0.45 1.83 -7.48
C GLN A 42 -1.18 1.23 -6.27
N LEU A 43 -0.83 1.69 -5.08
CA LEU A 43 -1.43 1.20 -3.85
C LEU A 43 -2.90 1.60 -3.76
N ILE A 44 -3.18 2.88 -3.97
CA ILE A 44 -4.54 3.40 -3.89
C ILE A 44 -5.42 2.78 -4.97
N GLN A 45 -4.90 2.71 -6.19
CA GLN A 45 -5.65 2.16 -7.31
C GLN A 45 -5.95 0.67 -7.11
N LEU A 46 -4.97 -0.07 -6.59
CA LEU A 46 -5.12 -1.50 -6.40
C LEU A 46 -6.09 -1.84 -5.27
N ALA A 47 -5.86 -1.27 -4.10
CA ALA A 47 -6.68 -1.56 -2.92
C ALA A 47 -8.06 -0.88 -3.01
N GLN A 48 -8.07 0.43 -3.22
CA GLN A 48 -9.33 1.19 -3.28
C GLN A 48 -10.07 0.94 -4.59
N MET A 49 -9.33 0.73 -5.67
CA MET A 49 -9.94 0.49 -6.97
C MET A 49 -9.48 -0.84 -7.56
N GLY A 50 -9.78 -1.93 -6.86
CA GLY A 50 -9.40 -3.25 -7.32
C GLY A 50 -9.96 -4.36 -6.48
N ARG A 51 -11.07 -4.93 -6.93
CA ARG A 51 -11.71 -6.04 -6.22
C ARG A 51 -10.74 -7.20 -6.04
N VAL A 52 -10.05 -7.55 -7.11
CA VAL A 52 -9.07 -8.64 -7.07
C VAL A 52 -7.68 -8.10 -6.76
N ARG A 53 -7.42 -6.86 -7.16
CA ARG A 53 -6.13 -6.23 -6.92
C ARG A 53 -5.98 -5.84 -5.45
N SER A 54 -4.92 -6.31 -4.82
CA SER A 54 -4.67 -6.01 -3.41
C SER A 54 -3.37 -5.25 -3.22
N LYS A 55 -3.31 -4.40 -2.21
CA LYS A 55 -2.12 -3.58 -1.95
C LYS A 55 -0.89 -4.42 -1.69
N ILE A 56 0.25 -3.91 -2.14
CA ILE A 56 1.53 -4.59 -1.98
C ILE A 56 1.91 -4.74 -0.52
N THR A 57 2.54 -5.87 -0.19
CA THR A 57 2.95 -6.16 1.18
C THR A 57 4.19 -5.36 1.57
N ASP A 58 4.40 -5.19 2.87
CA ASP A 58 5.55 -4.45 3.37
C ASP A 58 6.84 -4.96 2.75
N GLU A 59 6.87 -6.24 2.42
CA GLU A 59 8.06 -6.84 1.81
C GLU A 59 8.26 -6.32 0.40
N GLN A 60 7.23 -6.44 -0.43
CA GLN A 60 7.31 -5.96 -1.80
C GLN A 60 7.35 -4.44 -1.82
N LEU A 61 6.74 -3.83 -0.81
CA LEU A 61 6.75 -2.37 -0.67
C LEU A 61 8.16 -1.88 -0.42
N LYS A 62 8.90 -2.61 0.42
CA LYS A 62 10.28 -2.23 0.74
C LYS A 62 11.13 -2.29 -0.51
N GLU A 63 10.95 -3.33 -1.32
CA GLU A 63 11.66 -3.44 -2.59
C GLU A 63 11.34 -2.23 -3.44
N LEU A 64 10.10 -1.75 -3.32
CA LEU A 64 9.65 -0.58 -4.04
C LEU A 64 10.40 0.65 -3.54
N LEU A 65 10.67 0.67 -2.24
CA LEU A 65 11.38 1.78 -1.62
C LEU A 65 12.75 1.99 -2.25
N LYS A 66 13.48 0.90 -2.45
CA LYS A 66 14.82 0.96 -3.01
C LYS A 66 14.81 1.36 -4.47
N ARG A 67 13.86 0.81 -5.24
CA ARG A 67 13.79 1.10 -6.67
C ARG A 67 13.23 2.49 -6.94
N VAL A 68 12.22 2.90 -6.16
CA VAL A 68 11.61 4.21 -6.34
C VAL A 68 12.51 5.31 -5.79
N ALA A 69 13.30 4.97 -4.78
CA ALA A 69 14.21 5.93 -4.16
C ALA A 69 15.30 6.35 -5.15
N GLY A 70 15.63 7.63 -5.14
CA GLY A 70 16.66 8.14 -6.03
C GLY A 70 18.02 8.20 -5.38
N LYS A 71 18.27 7.31 -4.42
CA LYS A 71 19.54 7.27 -3.72
C LYS A 71 20.24 5.92 -3.94
N LYS A 72 19.64 4.85 -3.45
CA LYS A 72 20.21 3.52 -3.60
C LYS A 72 19.11 2.48 -3.83
N MET A 1 -31.29 -2.96 8.38
CA MET A 1 -31.90 -1.92 7.50
C MET A 1 -30.83 -1.05 6.84
N ARG A 2 -29.66 -1.65 6.61
CA ARG A 2 -28.56 -0.93 5.99
C ARG A 2 -27.75 -1.85 5.07
N GLN A 3 -28.34 -2.22 3.94
CA GLN A 3 -27.68 -3.10 2.98
C GLN A 3 -27.19 -2.31 1.78
N GLN A 4 -26.75 -1.08 2.01
CA GLN A 4 -26.25 -0.22 0.95
C GLN A 4 -24.91 0.39 1.32
N LEU A 5 -24.05 0.58 0.32
CA LEU A 5 -22.73 1.16 0.55
C LEU A 5 -21.89 0.26 1.45
N GLU A 6 -20.72 -0.13 0.96
CA GLU A 6 -19.82 -0.99 1.73
C GLU A 6 -18.36 -0.64 1.46
N MET A 7 -17.59 -0.48 2.53
CA MET A 7 -16.18 -0.14 2.41
C MET A 7 -15.36 -1.36 1.99
N GLN A 8 -14.14 -1.11 1.51
CA GLN A 8 -13.26 -2.19 1.08
C GLN A 8 -11.87 -2.03 1.67
N LYS A 9 -11.42 -3.04 2.38
CA LYS A 9 -10.10 -3.03 3.01
C LYS A 9 -9.74 -4.40 3.56
N LYS A 10 -10.62 -4.95 4.40
CA LYS A 10 -10.39 -6.25 4.99
C LYS A 10 -10.24 -7.32 3.92
N GLN A 11 -10.97 -7.19 2.83
CA GLN A 11 -10.89 -8.13 1.72
C GLN A 11 -9.44 -8.26 1.28
N ILE A 12 -8.75 -7.12 1.25
CA ILE A 12 -7.35 -7.08 0.88
C ILE A 12 -6.51 -7.87 1.89
N MET A 13 -6.82 -7.67 3.16
CA MET A 13 -6.11 -8.35 4.24
C MET A 13 -6.11 -9.86 4.03
N MET A 14 -7.20 -10.37 3.45
CA MET A 14 -7.30 -11.78 3.17
C MET A 14 -6.60 -12.11 1.84
N GLN A 15 -6.34 -11.08 1.03
CA GLN A 15 -5.71 -11.26 -0.27
C GLN A 15 -4.19 -11.21 -0.20
N ILE A 16 -3.66 -10.19 0.48
CA ILE A 16 -2.21 -10.03 0.60
C ILE A 16 -1.86 -8.75 1.36
N LEU A 17 -2.70 -8.35 2.30
CA LEU A 17 -2.44 -7.14 3.07
C LEU A 17 -1.85 -7.51 4.43
N THR A 18 -0.76 -6.85 4.79
CA THR A 18 -0.12 -7.08 6.07
C THR A 18 -0.24 -5.84 6.96
N PRO A 19 -0.51 -6.02 8.26
CA PRO A 19 -0.63 -4.90 9.18
C PRO A 19 0.53 -3.94 9.03
N GLU A 20 1.68 -4.48 8.67
CA GLU A 20 2.87 -3.67 8.44
C GLU A 20 2.76 -2.92 7.12
N ALA A 21 2.15 -3.55 6.12
CA ALA A 21 2.02 -2.94 4.80
C ALA A 21 1.41 -1.55 4.88
N ARG A 22 0.27 -1.44 5.57
CA ARG A 22 -0.42 -0.17 5.69
C ARG A 22 0.30 0.77 6.67
N SER A 23 0.63 0.24 7.85
CA SER A 23 1.30 1.03 8.87
C SER A 23 2.68 1.47 8.41
N ARG A 24 3.47 0.53 7.91
CA ARG A 24 4.82 0.84 7.45
C ARG A 24 4.80 1.95 6.42
N LEU A 25 3.93 1.82 5.43
CA LEU A 25 3.84 2.84 4.38
C LEU A 25 3.66 4.22 4.99
N ALA A 26 2.66 4.35 5.85
CA ALA A 26 2.39 5.62 6.52
C ALA A 26 3.62 6.11 7.28
N ASN A 27 4.34 5.15 7.84
CA ASN A 27 5.54 5.44 8.61
C ASN A 27 6.71 5.86 7.72
N LEU A 28 6.93 5.10 6.66
CA LEU A 28 8.06 5.35 5.76
C LEU A 28 7.96 6.72 5.09
N ARG A 29 6.75 7.23 4.94
CA ARG A 29 6.54 8.52 4.29
C ARG A 29 7.45 9.59 4.90
N LEU A 30 7.80 9.42 6.18
CA LEU A 30 8.63 10.40 6.88
C LEU A 30 10.03 10.52 6.27
N THR A 31 10.47 9.51 5.52
CA THR A 31 11.81 9.57 4.92
C THR A 31 11.75 10.07 3.48
N ARG A 32 11.52 9.18 2.52
CA ARG A 32 11.49 9.58 1.12
C ARG A 32 10.06 9.77 0.61
N PRO A 33 9.77 10.92 -0.01
CA PRO A 33 8.46 11.18 -0.62
C PRO A 33 8.28 10.40 -1.92
N ASP A 34 9.40 10.04 -2.55
CA ASP A 34 9.37 9.31 -3.82
C ASP A 34 8.59 8.03 -3.68
N PHE A 35 8.93 7.27 -2.65
CA PHE A 35 8.28 6.01 -2.37
C PHE A 35 6.76 6.19 -2.31
N VAL A 36 6.31 7.11 -1.46
CA VAL A 36 4.89 7.34 -1.28
C VAL A 36 4.21 7.71 -2.58
N GLU A 37 4.76 8.69 -3.30
CA GLU A 37 4.17 9.15 -4.54
C GLU A 37 3.97 8.01 -5.54
N GLN A 38 5.03 7.26 -5.80
CA GLN A 38 4.97 6.16 -6.74
C GLN A 38 4.12 5.02 -6.19
N ILE A 39 4.44 4.60 -4.97
CA ILE A 39 3.72 3.52 -4.31
C ILE A 39 2.25 3.86 -4.14
N GLU A 40 1.96 5.06 -3.66
CA GLU A 40 0.58 5.48 -3.44
C GLU A 40 -0.25 5.31 -4.72
N LEU A 41 0.23 5.88 -5.82
CA LEU A 41 -0.49 5.80 -7.10
C LEU A 41 -0.86 4.35 -7.43
N GLN A 42 0.14 3.47 -7.43
CA GLN A 42 -0.09 2.07 -7.75
C GLN A 42 -0.84 1.35 -6.63
N LEU A 43 -0.50 1.69 -5.39
CA LEU A 43 -1.12 1.06 -4.22
C LEU A 43 -2.59 1.41 -4.13
N ILE A 44 -2.90 2.72 -4.21
CA ILE A 44 -4.28 3.17 -4.13
C ILE A 44 -5.13 2.53 -5.23
N GLN A 45 -4.55 2.44 -6.43
CA GLN A 45 -5.25 1.87 -7.57
C GLN A 45 -5.58 0.39 -7.36
N LEU A 46 -4.65 -0.34 -6.76
CA LEU A 46 -4.84 -1.77 -6.54
C LEU A 46 -5.97 -2.04 -5.55
N ALA A 47 -5.89 -1.42 -4.38
CA ALA A 47 -6.90 -1.61 -3.35
C ALA A 47 -8.20 -0.90 -3.69
N GLN A 48 -8.11 0.38 -3.99
CA GLN A 48 -9.30 1.18 -4.32
C GLN A 48 -9.84 0.85 -5.71
N MET A 49 -8.94 0.58 -6.65
CA MET A 49 -9.34 0.29 -8.01
C MET A 49 -9.04 -1.16 -8.39
N GLY A 50 -9.89 -2.07 -7.91
CA GLY A 50 -9.70 -3.48 -8.22
C GLY A 50 -10.29 -4.40 -7.17
N ARG A 51 -10.95 -5.46 -7.61
CA ARG A 51 -11.55 -6.42 -6.71
C ARG A 51 -10.53 -7.46 -6.26
N VAL A 52 -9.65 -7.84 -7.17
CA VAL A 52 -8.61 -8.82 -6.88
C VAL A 52 -7.29 -8.14 -6.53
N ARG A 53 -7.13 -6.89 -6.97
CA ARG A 53 -5.92 -6.13 -6.71
C ARG A 53 -5.84 -5.72 -5.24
N SER A 54 -4.84 -6.27 -4.54
CA SER A 54 -4.64 -5.98 -3.13
C SER A 54 -3.26 -5.37 -2.89
N LYS A 55 -3.13 -4.63 -1.79
CA LYS A 55 -1.90 -3.91 -1.48
C LYS A 55 -0.69 -4.83 -1.49
N ILE A 56 0.43 -4.28 -1.94
CA ILE A 56 1.69 -4.98 -1.91
C ILE A 56 2.19 -5.02 -0.45
N THR A 57 2.72 -6.16 -0.03
CA THR A 57 3.15 -6.33 1.35
C THR A 57 4.48 -5.62 1.62
N ASP A 58 4.81 -5.48 2.90
CA ASP A 58 6.04 -4.80 3.30
C ASP A 58 7.24 -5.37 2.56
N GLU A 59 7.14 -6.62 2.13
CA GLU A 59 8.21 -7.28 1.40
C GLU A 59 8.34 -6.71 0.00
N GLN A 60 7.23 -6.70 -0.73
CA GLN A 60 7.21 -6.13 -2.08
C GLN A 60 7.28 -4.62 -2.00
N LEU A 61 6.73 -4.08 -0.91
CA LEU A 61 6.80 -2.64 -0.64
C LEU A 61 8.24 -2.24 -0.37
N LYS A 62 8.91 -3.07 0.42
CA LYS A 62 10.32 -2.84 0.76
C LYS A 62 11.16 -2.79 -0.50
N GLU A 63 10.97 -3.77 -1.37
CA GLU A 63 11.67 -3.81 -2.65
C GLU A 63 11.31 -2.58 -3.46
N LEU A 64 10.06 -2.15 -3.32
CA LEU A 64 9.59 -0.97 -4.03
C LEU A 64 10.28 0.29 -3.50
N LEU A 65 10.54 0.30 -2.20
CA LEU A 65 11.20 1.42 -1.56
C LEU A 65 12.65 1.54 -2.01
N LYS A 66 13.28 0.40 -2.24
CA LYS A 66 14.67 0.36 -2.65
C LYS A 66 14.84 0.83 -4.09
N ARG A 67 13.93 0.41 -4.96
CA ARG A 67 14.00 0.80 -6.37
C ARG A 67 13.54 2.24 -6.59
N VAL A 68 12.48 2.64 -5.89
CA VAL A 68 11.96 3.98 -6.00
C VAL A 68 12.97 5.01 -5.51
N ALA A 69 13.67 4.68 -4.43
CA ALA A 69 14.66 5.58 -3.85
C ALA A 69 15.79 5.84 -4.84
N GLY A 70 15.98 7.12 -5.18
CA GLY A 70 17.03 7.49 -6.12
C GLY A 70 16.99 8.96 -6.47
N LYS A 71 18.17 9.54 -6.73
CA LYS A 71 18.27 10.95 -7.09
C LYS A 71 19.68 11.30 -7.55
N LYS A 72 20.65 10.99 -6.70
CA LYS A 72 22.06 11.27 -7.02
C LYS A 72 22.33 12.77 -6.95
N MET A 1 -32.42 5.17 -0.38
CA MET A 1 -31.24 5.78 0.29
C MET A 1 -29.95 5.04 -0.09
N ARG A 2 -29.22 5.60 -1.04
CA ARG A 2 -27.96 5.00 -1.50
C ARG A 2 -28.16 3.54 -1.86
N GLN A 3 -27.10 2.90 -2.33
CA GLN A 3 -27.15 1.49 -2.72
C GLN A 3 -25.88 0.76 -2.30
N GLN A 4 -25.99 -0.05 -1.26
CA GLN A 4 -24.87 -0.82 -0.75
C GLN A 4 -23.70 0.09 -0.37
N LEU A 5 -22.89 0.46 -1.35
CA LEU A 5 -21.74 1.31 -1.11
C LEU A 5 -20.79 0.68 -0.10
N GLU A 6 -19.89 -0.17 -0.59
CA GLU A 6 -18.92 -0.84 0.27
C GLU A 6 -17.72 0.06 0.55
N MET A 7 -16.84 -0.40 1.42
CA MET A 7 -15.64 0.35 1.79
C MET A 7 -14.39 -0.28 1.19
N GLN A 8 -14.42 -1.61 1.05
CA GLN A 8 -13.29 -2.34 0.50
C GLN A 8 -12.11 -2.34 1.46
N LYS A 9 -11.86 -3.48 2.09
CA LYS A 9 -10.76 -3.60 3.04
C LYS A 9 -10.31 -5.05 3.17
N LYS A 10 -11.24 -5.91 3.59
CA LYS A 10 -10.95 -7.33 3.77
C LYS A 10 -10.38 -7.95 2.49
N GLN A 11 -10.86 -7.46 1.35
CA GLN A 11 -10.41 -7.97 0.06
C GLN A 11 -8.89 -7.93 -0.07
N ILE A 12 -8.30 -6.81 0.32
CA ILE A 12 -6.85 -6.64 0.26
C ILE A 12 -6.17 -7.47 1.33
N MET A 13 -6.70 -7.40 2.55
CA MET A 13 -6.16 -8.14 3.66
C MET A 13 -6.05 -9.62 3.34
N MET A 14 -7.01 -10.11 2.56
CA MET A 14 -7.03 -11.50 2.17
C MET A 14 -6.14 -11.75 0.95
N GLN A 15 -5.77 -10.67 0.25
CA GLN A 15 -4.97 -10.81 -0.97
C GLN A 15 -3.47 -10.77 -0.69
N ILE A 16 -3.02 -9.79 0.09
CA ILE A 16 -1.60 -9.66 0.44
C ILE A 16 -1.36 -8.44 1.33
N LEU A 17 -2.32 -8.10 2.17
CA LEU A 17 -2.19 -6.94 3.05
C LEU A 17 -1.69 -7.36 4.42
N THR A 18 -0.69 -6.64 4.93
CA THR A 18 -0.15 -6.91 6.25
C THR A 18 -0.35 -5.70 7.15
N PRO A 19 -0.61 -5.93 8.45
CA PRO A 19 -0.83 -4.84 9.41
C PRO A 19 0.26 -3.78 9.29
N GLU A 20 1.49 -4.23 9.07
CA GLU A 20 2.63 -3.35 8.91
C GLU A 20 2.59 -2.64 7.56
N ALA A 21 2.08 -3.33 6.54
CA ALA A 21 2.04 -2.78 5.19
C ALA A 21 1.39 -1.40 5.14
N ARG A 22 0.20 -1.29 5.74
CA ARG A 22 -0.52 -0.02 5.74
C ARG A 22 0.13 0.99 6.68
N SER A 23 0.40 0.57 7.90
CA SER A 23 1.02 1.44 8.90
C SER A 23 2.41 1.89 8.46
N ARG A 24 3.18 0.95 7.92
CA ARG A 24 4.52 1.25 7.45
C ARG A 24 4.50 2.36 6.42
N LEU A 25 3.67 2.21 5.40
CA LEU A 25 3.54 3.21 4.36
C LEU A 25 3.33 4.60 4.96
N ALA A 26 2.39 4.68 5.88
CA ALA A 26 2.10 5.94 6.58
C ALA A 26 3.37 6.48 7.23
N ASN A 27 4.11 5.58 7.87
CA ASN A 27 5.35 5.93 8.54
C ASN A 27 6.43 6.32 7.55
N LEU A 28 6.51 5.57 6.47
CA LEU A 28 7.53 5.80 5.44
C LEU A 28 7.55 7.25 5.00
N ARG A 29 6.43 7.94 5.16
CA ARG A 29 6.31 9.34 4.75
C ARG A 29 7.47 10.18 5.29
N LEU A 30 7.88 9.91 6.53
CA LEU A 30 8.96 10.67 7.14
C LEU A 30 10.35 10.13 6.77
N THR A 31 10.40 9.23 5.80
CA THR A 31 11.68 8.70 5.34
C THR A 31 12.01 9.24 3.95
N ARG A 32 11.42 8.64 2.93
CA ARG A 32 11.63 9.09 1.55
C ARG A 32 10.30 9.43 0.90
N PRO A 33 10.18 10.60 0.25
CA PRO A 33 8.95 11.00 -0.43
C PRO A 33 8.72 10.18 -1.69
N ASP A 34 9.79 9.59 -2.22
CA ASP A 34 9.71 8.75 -3.41
C ASP A 34 8.87 7.52 -3.12
N PHE A 35 9.11 6.93 -1.96
CA PHE A 35 8.39 5.74 -1.54
C PHE A 35 6.89 5.97 -1.63
N VAL A 36 6.41 7.00 -0.97
CA VAL A 36 4.99 7.29 -0.92
C VAL A 36 4.42 7.61 -2.30
N GLU A 37 5.08 8.50 -3.03
CA GLU A 37 4.58 8.93 -4.33
C GLU A 37 4.33 7.75 -5.27
N GLN A 38 5.34 6.90 -5.44
CA GLN A 38 5.21 5.75 -6.33
C GLN A 38 4.30 4.70 -5.72
N ILE A 39 4.58 4.32 -4.47
CA ILE A 39 3.79 3.32 -3.78
C ILE A 39 2.33 3.74 -3.72
N GLU A 40 2.07 5.00 -3.36
CA GLU A 40 0.70 5.49 -3.27
C GLU A 40 -0.04 5.26 -4.58
N LEU A 41 0.56 5.71 -5.68
CA LEU A 41 -0.06 5.55 -6.99
C LEU A 41 -0.48 4.09 -7.20
N GLN A 42 0.41 3.17 -6.89
CA GLN A 42 0.13 1.75 -7.04
C GLN A 42 -0.84 1.27 -5.96
N LEU A 43 -0.70 1.82 -4.76
CA LEU A 43 -1.56 1.45 -3.65
C LEU A 43 -2.99 1.93 -3.86
N ILE A 44 -3.13 3.22 -4.16
CA ILE A 44 -4.45 3.81 -4.39
C ILE A 44 -5.19 3.08 -5.49
N GLN A 45 -4.46 2.72 -6.55
CA GLN A 45 -5.05 2.02 -7.68
C GLN A 45 -5.38 0.57 -7.32
N LEU A 46 -4.42 -0.12 -6.72
CA LEU A 46 -4.60 -1.52 -6.36
C LEU A 46 -5.59 -1.70 -5.20
N ALA A 47 -5.33 -1.00 -4.10
CA ALA A 47 -6.18 -1.12 -2.92
C ALA A 47 -7.64 -0.77 -3.23
N GLN A 48 -7.85 0.37 -3.87
CA GLN A 48 -9.20 0.80 -4.21
C GLN A 48 -9.93 -0.23 -5.06
N MET A 49 -9.19 -0.88 -5.95
CA MET A 49 -9.77 -1.90 -6.83
C MET A 49 -10.57 -2.92 -6.01
N GLY A 50 -9.86 -3.91 -5.47
CA GLY A 50 -10.52 -4.92 -4.67
C GLY A 50 -10.80 -6.18 -5.46
N ARG A 51 -11.21 -6.02 -6.72
CA ARG A 51 -11.52 -7.16 -7.57
C ARG A 51 -10.39 -8.19 -7.55
N VAL A 52 -9.26 -7.83 -8.15
CA VAL A 52 -8.10 -8.72 -8.20
C VAL A 52 -6.80 -7.93 -8.04
N ARG A 53 -6.87 -6.82 -7.33
CA ARG A 53 -5.71 -5.98 -7.11
C ARG A 53 -5.65 -5.51 -5.66
N SER A 54 -4.58 -5.88 -4.96
CA SER A 54 -4.39 -5.51 -3.57
C SER A 54 -3.09 -4.72 -3.38
N LYS A 55 -3.06 -3.84 -2.38
CA LYS A 55 -1.87 -3.05 -2.10
C LYS A 55 -0.69 -3.96 -1.78
N ILE A 56 0.49 -3.54 -2.21
CA ILE A 56 1.72 -4.32 -2.00
C ILE A 56 2.05 -4.46 -0.51
N THR A 57 2.60 -5.62 -0.15
CA THR A 57 2.96 -5.91 1.24
C THR A 57 4.22 -5.17 1.66
N ASP A 58 4.41 -5.05 2.98
CA ASP A 58 5.56 -4.36 3.54
C ASP A 58 6.87 -4.89 2.96
N GLU A 59 6.85 -6.16 2.54
CA GLU A 59 8.04 -6.78 1.97
C GLU A 59 8.35 -6.18 0.60
N GLN A 60 7.36 -6.18 -0.28
CA GLN A 60 7.53 -5.63 -1.61
C GLN A 60 7.50 -4.12 -1.56
N LEU A 61 6.73 -3.59 -0.60
CA LEU A 61 6.66 -2.14 -0.39
C LEU A 61 8.06 -1.60 -0.16
N LYS A 62 8.82 -2.31 0.67
CA LYS A 62 10.21 -1.97 0.93
C LYS A 62 10.99 -2.08 -0.37
N GLU A 63 10.79 -3.21 -1.06
CA GLU A 63 11.38 -3.45 -2.36
C GLU A 63 11.04 -2.31 -3.31
N LEU A 64 9.87 -1.70 -3.09
CA LEU A 64 9.46 -0.57 -3.90
C LEU A 64 10.33 0.61 -3.53
N LEU A 65 10.76 0.61 -2.28
CA LEU A 65 11.61 1.64 -1.78
C LEU A 65 12.97 1.62 -2.46
N LYS A 66 13.55 0.43 -2.58
CA LYS A 66 14.85 0.27 -3.20
C LYS A 66 14.80 0.64 -4.68
N ARG A 67 13.73 0.22 -5.36
CA ARG A 67 13.58 0.50 -6.78
C ARG A 67 13.16 1.96 -7.03
N VAL A 68 12.30 2.48 -6.17
CA VAL A 68 11.85 3.87 -6.31
C VAL A 68 12.95 4.84 -5.86
N ALA A 69 13.61 4.48 -4.76
CA ALA A 69 14.68 5.32 -4.21
C ALA A 69 15.95 5.19 -5.06
N GLY A 70 16.48 6.33 -5.48
CA GLY A 70 17.69 6.33 -6.28
C GLY A 70 17.58 7.22 -7.50
N LYS A 71 16.39 7.25 -8.10
CA LYS A 71 16.16 8.07 -9.29
C LYS A 71 16.51 9.53 -9.03
N LYS A 72 16.08 10.02 -7.87
CA LYS A 72 16.35 11.41 -7.49
C LYS A 72 17.24 11.47 -6.25
N MET A 1 -27.23 7.81 11.15
CA MET A 1 -25.99 7.10 10.76
C MET A 1 -24.98 7.07 11.91
N ARG A 2 -23.78 6.57 11.64
CA ARG A 2 -22.74 6.48 12.64
C ARG A 2 -21.35 6.53 12.01
N GLN A 3 -20.97 7.72 11.54
CA GLN A 3 -19.67 7.91 10.91
C GLN A 3 -19.49 6.97 9.73
N GLN A 4 -19.98 7.38 8.57
CA GLN A 4 -19.87 6.57 7.36
C GLN A 4 -18.51 6.76 6.69
N LEU A 5 -17.56 5.88 7.03
CA LEU A 5 -16.23 5.95 6.46
C LEU A 5 -15.49 4.62 6.64
N GLU A 6 -16.14 3.54 6.25
CA GLU A 6 -15.55 2.21 6.38
C GLU A 6 -14.31 2.07 5.48
N MET A 7 -13.26 1.47 6.01
CA MET A 7 -12.03 1.28 5.26
C MET A 7 -11.66 -0.19 5.19
N GLN A 8 -11.66 -0.74 3.97
CA GLN A 8 -11.33 -2.15 3.78
C GLN A 8 -9.91 -2.46 4.24
N LYS A 9 -9.75 -3.56 4.95
CA LYS A 9 -8.44 -3.98 5.44
C LYS A 9 -8.22 -5.47 5.23
N LYS A 10 -8.84 -6.28 6.07
CA LYS A 10 -8.73 -7.74 5.97
C LYS A 10 -9.14 -8.22 4.59
N GLN A 11 -10.10 -7.52 3.99
CA GLN A 11 -10.60 -7.89 2.68
C GLN A 11 -9.48 -8.00 1.66
N ILE A 12 -8.58 -7.03 1.65
CA ILE A 12 -7.45 -7.06 0.75
C ILE A 12 -6.41 -8.05 1.25
N MET A 13 -6.31 -8.17 2.58
CA MET A 13 -5.37 -9.08 3.20
C MET A 13 -5.54 -10.50 2.65
N MET A 14 -6.76 -10.81 2.26
CA MET A 14 -7.09 -12.12 1.73
C MET A 14 -6.20 -12.47 0.53
N GLN A 15 -5.75 -11.46 -0.22
CA GLN A 15 -4.92 -11.71 -1.38
C GLN A 15 -3.44 -11.50 -1.10
N ILE A 16 -3.10 -10.39 -0.44
CA ILE A 16 -1.71 -10.11 -0.11
C ILE A 16 -1.56 -8.73 0.55
N LEU A 17 -2.20 -8.54 1.70
CA LEU A 17 -2.12 -7.28 2.42
C LEU A 17 -2.06 -7.51 3.93
N THR A 18 -1.08 -6.87 4.57
CA THR A 18 -0.91 -7.00 6.01
C THR A 18 -1.10 -5.64 6.69
N PRO A 19 -1.64 -5.63 7.92
CA PRO A 19 -1.87 -4.39 8.67
C PRO A 19 -0.63 -3.51 8.74
N GLU A 20 0.54 -4.15 8.65
CA GLU A 20 1.80 -3.42 8.71
C GLU A 20 2.02 -2.58 7.45
N ALA A 21 1.53 -3.09 6.33
CA ALA A 21 1.69 -2.40 5.05
C ALA A 21 1.11 -1.00 5.10
N ARG A 22 -0.13 -0.88 5.58
CA ARG A 22 -0.80 0.42 5.66
C ARG A 22 -0.11 1.33 6.67
N SER A 23 0.16 0.79 7.86
CA SER A 23 0.81 1.57 8.91
C SER A 23 2.25 1.91 8.54
N ARG A 24 2.94 0.96 7.91
CA ARG A 24 4.33 1.18 7.51
C ARG A 24 4.41 2.29 6.47
N LEU A 25 3.46 2.29 5.55
CA LEU A 25 3.43 3.31 4.49
C LEU A 25 3.36 4.69 5.10
N ALA A 26 2.37 4.89 5.95
CA ALA A 26 2.19 6.17 6.63
C ALA A 26 3.46 6.57 7.35
N ASN A 27 4.19 5.58 7.83
CA ASN A 27 5.43 5.79 8.52
C ASN A 27 6.55 6.18 7.57
N LEU A 28 6.73 5.36 6.54
CA LEU A 28 7.79 5.56 5.57
C LEU A 28 7.74 6.95 4.94
N ARG A 29 6.55 7.54 4.89
CA ARG A 29 6.38 8.86 4.29
C ARG A 29 7.37 9.86 4.86
N LEU A 30 7.76 9.66 6.11
CA LEU A 30 8.71 10.56 6.78
C LEU A 30 10.13 10.40 6.22
N THR A 31 10.35 9.33 5.44
CA THR A 31 11.67 9.07 4.88
C THR A 31 11.80 9.67 3.48
N ARG A 32 11.36 8.92 2.46
CA ARG A 32 11.46 9.39 1.08
C ARG A 32 10.07 9.47 0.43
N PRO A 33 9.77 10.57 -0.28
CA PRO A 33 8.49 10.73 -0.98
C PRO A 33 8.39 9.79 -2.18
N ASP A 34 9.55 9.39 -2.70
CA ASP A 34 9.63 8.48 -3.83
C ASP A 34 8.81 7.22 -3.55
N PHE A 35 8.90 6.73 -2.32
CA PHE A 35 8.16 5.54 -1.93
C PHE A 35 6.67 5.81 -1.90
N VAL A 36 6.25 6.82 -1.15
CA VAL A 36 4.83 7.14 -1.02
C VAL A 36 4.19 7.47 -2.36
N GLU A 37 4.81 8.39 -3.11
CA GLU A 37 4.24 8.82 -4.38
C GLU A 37 4.03 7.65 -5.35
N GLN A 38 5.07 6.87 -5.59
CA GLN A 38 4.98 5.73 -6.50
C GLN A 38 4.09 4.65 -5.91
N ILE A 39 4.40 4.26 -4.68
CA ILE A 39 3.62 3.24 -4.00
C ILE A 39 2.15 3.67 -3.91
N GLU A 40 1.91 4.92 -3.57
CA GLU A 40 0.54 5.41 -3.43
C GLU A 40 -0.26 5.10 -4.68
N LEU A 41 0.29 5.43 -5.85
CA LEU A 41 -0.40 5.18 -7.11
C LEU A 41 -0.81 3.72 -7.22
N GLN A 42 0.15 2.82 -7.05
CA GLN A 42 -0.11 1.39 -7.14
C GLN A 42 -0.94 0.90 -5.95
N LEU A 43 -0.63 1.43 -4.78
CA LEU A 43 -1.31 1.04 -3.55
C LEU A 43 -2.76 1.50 -3.54
N ILE A 44 -2.98 2.79 -3.81
CA ILE A 44 -4.33 3.34 -3.82
C ILE A 44 -5.22 2.56 -4.77
N GLN A 45 -4.69 2.27 -5.96
CA GLN A 45 -5.44 1.56 -6.98
C GLN A 45 -5.75 0.13 -6.55
N LEU A 46 -4.81 -0.50 -5.86
CA LEU A 46 -4.99 -1.89 -5.43
C LEU A 46 -6.01 -2.01 -4.31
N ALA A 47 -5.83 -1.24 -3.25
CA ALA A 47 -6.74 -1.28 -2.10
C ALA A 47 -8.07 -0.59 -2.40
N GLN A 48 -7.99 0.64 -2.87
CA GLN A 48 -9.19 1.44 -3.12
C GLN A 48 -9.93 1.00 -4.38
N MET A 49 -9.19 0.65 -5.44
CA MET A 49 -9.81 0.26 -6.69
C MET A 49 -9.99 -1.26 -6.80
N GLY A 50 -9.12 -2.00 -6.13
CA GLY A 50 -9.22 -3.45 -6.16
C GLY A 50 -9.32 -3.99 -7.58
N ARG A 51 -8.47 -3.49 -8.47
CA ARG A 51 -8.47 -3.93 -9.86
C ARG A 51 -8.40 -5.45 -9.95
N VAL A 52 -7.46 -6.03 -9.21
CA VAL A 52 -7.28 -7.48 -9.20
C VAL A 52 -6.14 -7.90 -8.29
N ARG A 53 -6.00 -7.20 -7.17
CA ARG A 53 -4.95 -7.50 -6.21
C ARG A 53 -5.06 -6.60 -4.97
N SER A 54 -4.41 -7.03 -3.89
CA SER A 54 -4.43 -6.28 -2.64
C SER A 54 -3.16 -5.46 -2.48
N LYS A 55 -3.23 -4.41 -1.67
CA LYS A 55 -2.12 -3.51 -1.48
C LYS A 55 -0.86 -4.27 -1.05
N ILE A 56 0.28 -3.78 -1.51
CA ILE A 56 1.57 -4.43 -1.27
C ILE A 56 1.92 -4.49 0.21
N THR A 57 2.55 -5.59 0.61
CA THR A 57 2.95 -5.80 1.99
C THR A 57 4.20 -4.99 2.32
N ASP A 58 4.53 -4.91 3.61
CA ASP A 58 5.71 -4.18 4.05
C ASP A 58 6.97 -4.76 3.41
N GLU A 59 6.91 -6.04 3.07
CA GLU A 59 8.04 -6.71 2.45
C GLU A 59 8.19 -6.30 0.99
N GLN A 60 7.10 -6.45 0.22
CA GLN A 60 7.11 -6.06 -1.18
C GLN A 60 7.15 -4.54 -1.30
N LEU A 61 6.53 -3.86 -0.34
CA LEU A 61 6.56 -2.42 -0.28
C LEU A 61 8.00 -1.95 -0.12
N LYS A 62 8.76 -2.71 0.66
CA LYS A 62 10.15 -2.41 0.88
C LYS A 62 10.92 -2.45 -0.43
N GLU A 63 10.73 -3.53 -1.19
CA GLU A 63 11.36 -3.65 -2.50
C GLU A 63 11.00 -2.45 -3.35
N LEU A 64 9.78 -1.95 -3.16
CA LEU A 64 9.32 -0.77 -3.88
C LEU A 64 10.14 0.45 -3.47
N LEU A 65 10.62 0.43 -2.23
CA LEU A 65 11.43 1.51 -1.70
C LEU A 65 12.79 1.58 -2.39
N LYS A 66 13.47 0.44 -2.44
CA LYS A 66 14.79 0.36 -3.05
C LYS A 66 14.75 0.80 -4.51
N ARG A 67 13.76 0.31 -5.25
CA ARG A 67 13.64 0.62 -6.67
C ARG A 67 13.23 2.08 -6.89
N VAL A 68 12.37 2.60 -6.01
CA VAL A 68 11.92 3.98 -6.14
C VAL A 68 13.09 4.94 -5.86
N ALA A 69 13.77 4.73 -4.74
CA ALA A 69 14.90 5.57 -4.35
C ALA A 69 16.03 5.48 -5.36
N GLY A 70 16.27 6.59 -6.07
CA GLY A 70 17.32 6.61 -7.06
C GLY A 70 17.71 8.02 -7.45
N LYS A 71 18.01 8.22 -8.74
CA LYS A 71 18.40 9.53 -9.24
C LYS A 71 17.58 9.90 -10.47
N LYS A 72 16.58 10.74 -10.27
CA LYS A 72 15.72 11.18 -11.37
C LYS A 72 15.13 9.98 -12.11
N MET A 1 -26.65 9.90 10.75
CA MET A 1 -25.90 8.71 11.22
C MET A 1 -25.17 8.04 10.06
N ARG A 2 -24.09 8.65 9.61
CA ARG A 2 -23.30 8.11 8.51
C ARG A 2 -21.83 8.51 8.64
N GLN A 3 -20.96 7.51 8.75
CA GLN A 3 -19.52 7.76 8.87
C GLN A 3 -18.73 6.72 8.09
N GLN A 4 -19.26 6.32 6.95
CA GLN A 4 -18.59 5.34 6.10
C GLN A 4 -18.52 3.97 6.79
N LEU A 5 -18.47 2.91 5.99
CA LEU A 5 -18.41 1.56 6.52
C LEU A 5 -17.00 1.24 7.03
N GLU A 6 -16.87 0.13 7.75
CA GLU A 6 -15.59 -0.29 8.30
C GLU A 6 -15.28 -1.73 7.91
N MET A 7 -15.15 -1.99 6.62
CA MET A 7 -14.84 -3.33 6.13
C MET A 7 -14.05 -3.27 4.82
N GLN A 8 -13.20 -2.26 4.70
CA GLN A 8 -12.38 -2.10 3.51
C GLN A 8 -10.89 -2.14 3.86
N LYS A 9 -10.39 -3.34 4.12
CA LYS A 9 -8.99 -3.52 4.47
C LYS A 9 -8.64 -4.99 4.66
N LYS A 10 -9.58 -5.74 5.25
CA LYS A 10 -9.37 -7.17 5.48
C LYS A 10 -9.46 -7.95 4.17
N GLN A 11 -10.35 -7.53 3.28
CA GLN A 11 -10.50 -8.18 1.98
C GLN A 11 -9.15 -8.24 1.28
N ILE A 12 -8.44 -7.11 1.33
CA ILE A 12 -7.11 -7.02 0.78
C ILE A 12 -6.14 -7.88 1.58
N MET A 13 -6.33 -7.86 2.90
CA MET A 13 -5.51 -8.65 3.81
C MET A 13 -5.60 -10.13 3.46
N MET A 14 -6.74 -10.53 2.93
CA MET A 14 -6.94 -11.91 2.53
C MET A 14 -6.25 -12.19 1.19
N GLN A 15 -5.91 -11.12 0.46
CA GLN A 15 -5.29 -11.28 -0.84
C GLN A 15 -3.77 -11.11 -0.77
N ILE A 16 -3.32 -10.06 -0.09
CA ILE A 16 -1.88 -9.80 0.04
C ILE A 16 -1.63 -8.50 0.80
N LEU A 17 -2.19 -8.40 2.00
CA LEU A 17 -2.03 -7.20 2.81
C LEU A 17 -1.52 -7.55 4.20
N THR A 18 -0.48 -6.86 4.65
CA THR A 18 0.08 -7.07 5.97
C THR A 18 -0.13 -5.85 6.85
N PRO A 19 -0.43 -6.04 8.13
CA PRO A 19 -0.65 -4.92 9.06
C PRO A 19 0.46 -3.89 8.94
N GLU A 20 1.67 -4.36 8.70
CA GLU A 20 2.82 -3.48 8.52
C GLU A 20 2.77 -2.77 7.17
N ALA A 21 2.23 -3.44 6.16
CA ALA A 21 2.19 -2.89 4.81
C ALA A 21 1.56 -1.50 4.81
N ARG A 22 0.36 -1.38 5.38
CA ARG A 22 -0.34 -0.11 5.41
C ARG A 22 0.27 0.85 6.43
N SER A 23 0.54 0.34 7.63
CA SER A 23 1.13 1.16 8.69
C SER A 23 2.51 1.66 8.28
N ARG A 24 3.31 0.78 7.68
CA ARG A 24 4.65 1.14 7.24
C ARG A 24 4.61 2.29 6.26
N LEU A 25 3.82 2.15 5.21
CA LEU A 25 3.70 3.19 4.20
C LEU A 25 3.40 4.54 4.84
N ALA A 26 2.49 4.54 5.81
CA ALA A 26 2.13 5.76 6.51
C ALA A 26 3.35 6.34 7.21
N ASN A 27 4.17 5.46 7.77
CA ASN A 27 5.38 5.85 8.48
C ASN A 27 6.47 6.33 7.53
N LEU A 28 6.61 5.62 6.42
CA LEU A 28 7.65 5.92 5.44
C LEU A 28 7.50 7.33 4.85
N ARG A 29 6.30 7.86 4.91
CA ARG A 29 6.02 9.18 4.32
C ARG A 29 7.08 10.21 4.76
N LEU A 30 7.66 10.02 5.94
CA LEU A 30 8.67 10.94 6.43
C LEU A 30 10.08 10.54 5.99
N THR A 31 10.25 9.30 5.53
CA THR A 31 11.56 8.84 5.07
C THR A 31 11.84 9.37 3.67
N ARG A 32 11.29 8.70 2.66
CA ARG A 32 11.47 9.15 1.28
C ARG A 32 10.12 9.46 0.63
N PRO A 33 9.97 10.64 0.03
CA PRO A 33 8.75 11.01 -0.69
C PRO A 33 8.64 10.24 -2.01
N ASP A 34 9.80 9.85 -2.54
CA ASP A 34 9.86 9.12 -3.81
C ASP A 34 9.03 7.85 -3.75
N PHE A 35 9.29 7.04 -2.74
CA PHE A 35 8.59 5.78 -2.57
C PHE A 35 7.08 6.02 -2.45
N VAL A 36 6.71 7.06 -1.70
CA VAL A 36 5.30 7.41 -1.51
C VAL A 36 4.61 7.70 -2.83
N GLU A 37 5.20 8.57 -3.64
CA GLU A 37 4.61 8.98 -4.91
C GLU A 37 4.37 7.79 -5.82
N GLN A 38 5.40 6.98 -6.04
CA GLN A 38 5.28 5.81 -6.89
C GLN A 38 4.36 4.77 -6.27
N ILE A 39 4.64 4.43 -5.01
CA ILE A 39 3.84 3.46 -4.30
C ILE A 39 2.38 3.92 -4.22
N GLU A 40 2.14 5.15 -3.80
CA GLU A 40 0.77 5.64 -3.65
C GLU A 40 -0.05 5.42 -4.91
N LEU A 41 0.46 5.87 -6.05
CA LEU A 41 -0.26 5.71 -7.31
C LEU A 41 -0.68 4.27 -7.55
N GLN A 42 0.28 3.36 -7.48
CA GLN A 42 0.00 1.95 -7.68
C GLN A 42 -0.78 1.38 -6.50
N LEU A 43 -0.27 1.63 -5.30
CA LEU A 43 -0.88 1.14 -4.06
C LEU A 43 -2.34 1.53 -3.97
N ILE A 44 -2.64 2.81 -4.13
CA ILE A 44 -4.01 3.27 -4.06
C ILE A 44 -4.88 2.51 -5.04
N GLN A 45 -4.41 2.41 -6.29
CA GLN A 45 -5.15 1.69 -7.31
C GLN A 45 -5.48 0.26 -6.88
N LEU A 46 -4.60 -0.33 -6.06
CA LEU A 46 -4.78 -1.71 -5.62
C LEU A 46 -5.94 -1.89 -4.64
N ALA A 47 -5.93 -1.11 -3.56
CA ALA A 47 -6.92 -1.27 -2.51
C ALA A 47 -8.33 -0.87 -2.94
N GLN A 48 -8.46 0.34 -3.45
CA GLN A 48 -9.76 0.84 -3.91
C GLN A 48 -10.24 0.10 -5.15
N MET A 49 -9.30 -0.54 -5.86
CA MET A 49 -9.62 -1.30 -7.08
C MET A 49 -10.90 -2.11 -6.91
N GLY A 50 -10.88 -3.05 -5.96
CA GLY A 50 -12.04 -3.88 -5.71
C GLY A 50 -11.66 -5.25 -5.21
N ARG A 51 -12.11 -6.29 -5.92
CA ARG A 51 -11.83 -7.66 -5.54
C ARG A 51 -10.97 -8.35 -6.59
N VAL A 52 -10.20 -7.57 -7.34
CA VAL A 52 -9.35 -8.11 -8.39
C VAL A 52 -7.89 -7.69 -8.18
N ARG A 53 -7.62 -6.87 -7.17
CA ARG A 53 -6.27 -6.42 -6.89
C ARG A 53 -6.15 -5.90 -5.45
N SER A 54 -5.08 -6.29 -4.77
CA SER A 54 -4.86 -5.87 -3.39
C SER A 54 -3.54 -5.11 -3.27
N LYS A 55 -3.49 -4.17 -2.32
CA LYS A 55 -2.30 -3.34 -2.13
C LYS A 55 -1.07 -4.17 -1.77
N ILE A 56 0.08 -3.68 -2.24
CA ILE A 56 1.35 -4.38 -2.07
C ILE A 56 1.73 -4.53 -0.60
N THR A 57 2.35 -5.68 -0.29
CA THR A 57 2.79 -5.98 1.07
C THR A 57 4.06 -5.22 1.43
N ASP A 58 4.36 -5.16 2.72
CA ASP A 58 5.55 -4.47 3.20
C ASP A 58 6.81 -5.01 2.53
N GLU A 59 6.77 -6.28 2.12
CA GLU A 59 7.89 -6.91 1.48
C GLU A 59 8.08 -6.36 0.06
N GLN A 60 7.02 -6.42 -0.74
CA GLN A 60 7.08 -5.90 -2.09
C GLN A 60 7.15 -4.38 -2.04
N LEU A 61 6.50 -3.80 -1.03
CA LEU A 61 6.55 -2.37 -0.80
C LEU A 61 8.00 -1.96 -0.56
N LYS A 62 8.70 -2.79 0.21
CA LYS A 62 10.11 -2.54 0.49
C LYS A 62 10.89 -2.42 -0.81
N GLU A 63 10.65 -3.37 -1.71
CA GLU A 63 11.29 -3.33 -3.03
C GLU A 63 11.01 -1.99 -3.69
N LEU A 64 9.75 -1.55 -3.59
CA LEU A 64 9.35 -0.26 -4.13
C LEU A 64 10.20 0.85 -3.51
N LEU A 65 10.64 0.61 -2.28
CA LEU A 65 11.49 1.56 -1.58
C LEU A 65 12.85 1.67 -2.26
N LYS A 66 13.43 0.51 -2.56
CA LYS A 66 14.75 0.47 -3.20
C LYS A 66 14.69 0.97 -4.64
N ARG A 67 13.78 0.43 -5.42
CA ARG A 67 13.67 0.81 -6.83
C ARG A 67 13.36 2.30 -7.00
N VAL A 68 12.37 2.78 -6.25
CA VAL A 68 11.98 4.19 -6.35
C VAL A 68 13.03 5.11 -5.73
N ALA A 69 13.54 4.74 -4.57
CA ALA A 69 14.55 5.54 -3.87
C ALA A 69 15.82 5.66 -4.71
N GLY A 70 16.41 6.85 -4.70
CA GLY A 70 17.63 7.06 -5.47
C GLY A 70 18.67 7.85 -4.69
N LYS A 71 19.82 8.07 -5.30
CA LYS A 71 20.91 8.81 -4.67
C LYS A 71 21.11 10.16 -5.35
N LYS A 72 21.03 10.17 -6.68
CA LYS A 72 21.20 11.39 -7.46
C LYS A 72 19.86 11.96 -7.88
#